data_6KJE
#
_entry.id   6KJE
#
_cell.length_a   88.786
_cell.length_b   92.159
_cell.length_c   142.227
_cell.angle_alpha   90.000
_cell.angle_beta   90.000
_cell.angle_gamma   90.000
#
_symmetry.space_group_name_H-M   'P 21 21 21'
#
loop_
_entity.id
_entity.type
_entity.pdbx_description
1 polymer 'Pc15g00720 protein'
2 non-polymer '(3R,5R)-3,5-dihydroxy-7-[(1S,2S,6R,8S,8aR)-8-hydroxy-2,6-dimethyl-1,2,6,7,8,8a-hexahydronaphthalen-1-yl]heptanoic acid'
3 non-polymer TRIS-HYDROXYMETHYL-METHYL-AMMONIUM
4 non-polymer 'ACETATE ION'
5 water water
#
_entity_poly.entity_id   1
_entity_poly.type   'polypeptide(L)'
_entity_poly.pdbx_seq_one_letter_code
;HMDTTFQAAIDTGKINGAVVCATDAQGHFVYNKATGERTLLSGEKQPQQLDDVLYLASATKLITTIAALQCVEDGLLSLD
GDLSSIAPELAAKYVLTGFTDDESPLDDPPARPITLKMLLTHSSGTSYHFLDPSIAKWRAQYANPENEKPRLVEEMFTYP
LSFQPGTGWMYGPGLDWAGRVVERVTGGTLMEFMQKRIFDPLGITDSQFYPVTREDLRARLVDLNPSDPGALGSAVIGGG
GEMNLRGRGAFGGHGLFLTGLDFVKILRSLLANDGMLLKPAAVDNMFQQHLGPEAAASHRAALASPLGPFFRVGTDPETK
VGYGLGGLLTLEDVDGWYGERTLTWGGGLTLTWFIDRKNNLCGVGAIQAVLPVDGDLMADLKQTFRHDIYRKYSAWKGQQ
;
_entity_poly.pdbx_strand_id   B,A
#
loop_
_chem_comp.id
_chem_comp.type
_chem_comp.name
_chem_comp.formula
144 non-polymer TRIS-HYDROXYMETHYL-METHYL-AMMONIUM 'C4 H12 N O3 1'
ACT non-polymer 'ACETATE ION' 'C2 H3 O2 -1'
MJA non-polymer '(3R,5R)-3,5-dihydroxy-7-[(1S,2S,6R,8S,8aR)-8-hydroxy-2,6-dimethyl-1,2,6,7,8,8a-hexahydronaphthalen-1-yl]heptanoic acid' 'C19 H30 O5'
#
# COMPACT_ATOMS: atom_id res chain seq x y z
N HIS A 1 3.28 31.30 -18.90
CA HIS A 1 4.46 31.07 -18.07
C HIS A 1 4.07 30.12 -16.95
N MET A 2 5.07 29.55 -16.26
CA MET A 2 4.80 28.51 -15.28
C MET A 2 3.85 28.99 -14.18
N ASP A 3 4.09 30.18 -13.62
CA ASP A 3 3.34 30.60 -12.44
C ASP A 3 1.84 30.64 -12.71
N THR A 4 1.41 31.36 -13.75
CA THR A 4 -0.02 31.45 -14.03
C THR A 4 -0.57 30.18 -14.67
N THR A 5 0.25 29.49 -15.49
CA THR A 5 -0.22 28.26 -16.12
C THR A 5 -0.44 27.16 -15.10
N PHE A 6 0.51 26.99 -14.17
CA PHE A 6 0.35 25.97 -13.13
C PHE A 6 -0.83 26.31 -12.23
N GLN A 7 -1.01 27.58 -11.89
CA GLN A 7 -2.10 27.97 -11.01
C GLN A 7 -3.46 27.69 -11.65
N ALA A 8 -3.56 27.91 -12.96
CA ALA A 8 -4.82 27.61 -13.65
C ALA A 8 -5.14 26.12 -13.59
N ALA A 9 -4.12 25.27 -13.74
CA ALA A 9 -4.35 23.83 -13.66
C ALA A 9 -4.72 23.40 -12.25
N ILE A 10 -4.15 24.06 -11.24
CA ILE A 10 -4.57 23.81 -9.86
C ILE A 10 -6.03 24.22 -9.66
N ASP A 11 -6.41 25.38 -10.21
CA ASP A 11 -7.77 25.89 -10.03
C ASP A 11 -8.81 24.96 -10.65
N THR A 12 -8.50 24.35 -11.79
CA THR A 12 -9.44 23.42 -12.41
C THR A 12 -9.46 22.05 -11.73
N GLY A 13 -8.57 21.81 -10.77
CA GLY A 13 -8.53 20.54 -10.07
C GLY A 13 -7.79 19.42 -10.78
N LYS A 14 -7.10 19.70 -11.88
CA LYS A 14 -6.44 18.65 -12.63
C LYS A 14 -5.02 18.36 -12.15
N ILE A 15 -4.41 19.27 -11.38
CA ILE A 15 -3.15 18.98 -10.70
C ILE A 15 -3.24 19.51 -9.28
N ASN A 16 -2.39 18.95 -8.41
CA ASN A 16 -2.23 19.45 -7.06
C ASN A 16 -1.02 20.36 -6.90
N GLY A 17 0.03 20.14 -7.70
CA GLY A 17 1.22 20.96 -7.57
C GLY A 17 2.26 20.56 -8.60
N ALA A 18 3.48 21.04 -8.37
CA ALA A 18 4.60 20.75 -9.24
C ALA A 18 5.90 21.05 -8.51
N VAL A 19 6.98 20.41 -8.97
CA VAL A 19 8.33 20.67 -8.48
C VAL A 19 9.22 20.91 -9.68
N VAL A 20 9.94 22.04 -9.68
CA VAL A 20 10.81 22.44 -10.79
C VAL A 20 12.17 22.81 -10.22
N CYS A 21 13.23 22.25 -10.81
CA CYS A 21 14.60 22.52 -10.39
C CYS A 21 15.47 22.64 -11.62
N ALA A 22 16.15 23.78 -11.77
CA ALA A 22 17.04 24.01 -12.89
C ALA A 22 18.28 24.78 -12.43
N THR A 23 19.36 24.62 -13.19
CA THR A 23 20.63 25.21 -12.80
C THR A 23 21.57 25.24 -13.99
N ASP A 24 22.51 26.19 -13.98
CA ASP A 24 23.65 26.14 -14.87
C ASP A 24 24.75 25.31 -14.22
N ALA A 25 25.88 25.16 -14.92
CA ALA A 25 26.93 24.25 -14.45
C ALA A 25 27.52 24.68 -13.10
N GLN A 26 27.63 25.98 -12.86
CA GLN A 26 28.31 26.49 -11.67
C GLN A 26 27.36 26.89 -10.56
N GLY A 27 26.05 26.75 -10.75
CA GLY A 27 25.11 27.20 -9.75
C GLY A 27 25.01 28.70 -9.64
N HIS A 28 25.30 29.42 -10.74
CA HIS A 28 25.11 30.86 -10.75
C HIS A 28 23.64 31.20 -11.00
N PHE A 29 23.08 30.72 -12.10
CA PHE A 29 21.64 30.77 -12.32
C PHE A 29 21.03 29.51 -11.73
N VAL A 30 20.15 29.68 -10.74
CA VAL A 30 19.47 28.57 -10.11
C VAL A 30 18.01 28.95 -9.97
N TYR A 31 17.11 28.04 -10.33
CA TYR A 31 15.67 28.24 -10.15
C TYR A 31 15.08 26.98 -9.55
N ASN A 32 14.57 27.09 -8.33
CA ASN A 32 13.91 26.00 -7.62
C ASN A 32 12.56 26.51 -7.15
N LYS A 33 11.50 25.77 -7.46
CA LYS A 33 10.17 26.21 -7.07
C LYS A 33 9.26 25.01 -6.88
N ALA A 34 8.65 24.93 -5.71
CA ALA A 34 7.58 23.97 -5.44
C ALA A 34 6.26 24.72 -5.40
N THR A 35 5.28 24.21 -6.11
CA THR A 35 3.99 24.88 -6.27
C THR A 35 2.89 23.96 -5.79
N GLY A 36 1.90 24.52 -5.10
CA GLY A 36 0.72 23.74 -4.76
C GLY A 36 0.76 22.99 -3.45
N GLU A 37 0.11 21.82 -3.43
CA GLU A 37 -0.10 21.07 -2.20
C GLU A 37 0.03 19.58 -2.49
N ARG A 38 0.40 18.83 -1.45
CA ARG A 38 0.29 17.38 -1.47
C ARG A 38 -0.75 16.94 -0.45
N THR A 39 -1.28 15.74 -0.67
CA THR A 39 -2.25 15.16 0.26
C THR A 39 -1.63 13.95 0.93
N LEU A 40 -1.75 13.88 2.25
CA LEU A 40 -1.27 12.76 3.03
C LEU A 40 -2.32 11.67 3.10
N LEU A 41 -1.88 10.49 3.54
CA LEU A 41 -2.78 9.35 3.61
C LEU A 41 -3.96 9.62 4.52
N SER A 42 -3.76 10.48 5.54
CA SER A 42 -4.83 10.85 6.46
C SER A 42 -5.84 11.82 5.87
N GLY A 43 -5.57 12.37 4.69
CA GLY A 43 -6.42 13.39 4.12
C GLY A 43 -5.94 14.81 4.38
N GLU A 44 -4.93 14.97 5.24
CA GLU A 44 -4.39 16.29 5.53
C GLU A 44 -3.60 16.84 4.35
N LYS A 45 -3.72 18.13 4.12
CA LYS A 45 -3.00 18.79 3.05
C LYS A 45 -1.78 19.55 3.61
N GLN A 46 -0.74 19.63 2.78
CA GLN A 46 0.52 20.27 3.10
C GLN A 46 1.02 20.96 1.85
N PRO A 47 1.70 22.10 2.01
CA PRO A 47 2.33 22.73 0.84
C PRO A 47 3.35 21.81 0.19
N GLN A 48 3.39 21.84 -1.14
CA GLN A 48 4.43 21.14 -1.86
C GLN A 48 5.79 21.73 -1.49
N GLN A 49 6.78 20.86 -1.30
CA GLN A 49 8.10 21.27 -0.85
C GLN A 49 9.16 20.68 -1.76
N LEU A 50 10.29 21.38 -1.86
CA LEU A 50 11.35 20.98 -2.77
C LEU A 50 11.99 19.65 -2.39
N ASP A 51 11.88 19.22 -1.14
CA ASP A 51 12.41 17.93 -0.74
C ASP A 51 11.33 16.87 -0.56
N ASP A 52 10.16 17.07 -1.16
CA ASP A 52 9.19 16.00 -1.30
C ASP A 52 9.78 14.87 -2.15
N VAL A 53 9.47 13.63 -1.81
CA VAL A 53 9.99 12.49 -2.53
C VAL A 53 9.10 12.22 -3.73
N LEU A 54 9.69 12.27 -4.93
CA LEU A 54 8.95 12.14 -6.18
C LEU A 54 9.15 10.76 -6.78
N TYR A 55 8.19 10.33 -7.59
CA TYR A 55 8.34 9.13 -8.39
C TYR A 55 8.98 9.52 -9.72
N LEU A 56 10.18 8.99 -9.98
CA LEU A 56 10.89 9.33 -11.21
C LEU A 56 10.28 8.66 -12.44
N ALA A 57 9.71 7.47 -12.28
CA ALA A 57 9.26 6.63 -13.40
C ALA A 57 10.45 6.52 -14.37
N SER A 58 10.26 6.72 -15.68
CA SER A 58 11.36 6.50 -16.63
C SER A 58 12.50 7.50 -16.49
N ALA A 59 12.37 8.53 -15.66
CA ALA A 59 13.57 9.30 -15.33
C ALA A 59 14.62 8.42 -14.67
N THR A 60 14.20 7.27 -14.13
CA THR A 60 15.14 6.25 -13.66
C THR A 60 16.14 5.87 -14.74
N LYS A 61 15.71 5.86 -16.00
CA LYS A 61 16.57 5.34 -17.08
C LYS A 61 17.89 6.08 -17.16
N LEU A 62 17.89 7.40 -16.95
CA LEU A 62 19.14 8.15 -16.97
C LEU A 62 20.09 7.66 -15.89
N ILE A 63 19.57 7.45 -14.67
CA ILE A 63 20.42 7.03 -13.57
C ILE A 63 20.94 5.62 -13.80
N THR A 64 20.10 4.71 -14.29
CA THR A 64 20.57 3.38 -14.67
C THR A 64 21.61 3.46 -15.78
N THR A 65 21.40 4.36 -16.75
CA THR A 65 22.38 4.58 -17.80
C THR A 65 23.74 4.93 -17.22
N ILE A 66 23.77 5.86 -16.26
CA ILE A 66 25.02 6.25 -15.61
C ILE A 66 25.67 5.04 -14.93
N ALA A 67 24.88 4.26 -14.19
CA ALA A 67 25.42 3.12 -13.47
C ALA A 67 26.08 2.13 -14.42
N ALA A 68 25.43 1.85 -15.56
CA ALA A 68 26.00 0.91 -16.51
C ALA A 68 27.30 1.44 -17.10
N LEU A 69 27.37 2.75 -17.36
CA LEU A 69 28.60 3.32 -17.90
C LEU A 69 29.71 3.35 -16.87
N GLN A 70 29.36 3.41 -15.58
CA GLN A 70 30.38 3.28 -14.53
C GLN A 70 30.97 1.88 -14.52
N CYS A 71 30.13 0.86 -14.73
CA CYS A 71 30.65 -0.49 -14.90
C CYS A 71 31.60 -0.58 -16.08
N VAL A 72 31.33 0.19 -17.15
CA VAL A 72 32.25 0.24 -18.27
C VAL A 72 33.60 0.82 -17.83
N GLU A 73 33.56 1.91 -17.06
CA GLU A 73 34.81 2.45 -16.51
C GLU A 73 35.55 1.41 -15.68
N ASP A 74 34.81 0.60 -14.92
CA ASP A 74 35.43 -0.41 -14.06
C ASP A 74 36.07 -1.55 -14.83
N GLY A 75 35.77 -1.69 -16.12
CA GLY A 75 36.22 -2.85 -16.87
C GLY A 75 35.32 -4.06 -16.75
N LEU A 76 34.20 -3.95 -16.04
CA LEU A 76 33.26 -5.06 -15.93
C LEU A 76 32.39 -5.22 -17.17
N LEU A 77 32.25 -4.17 -17.97
CA LEU A 77 31.44 -4.22 -19.18
C LEU A 77 32.11 -3.37 -20.25
N SER A 78 31.67 -3.58 -21.50
CA SER A 78 31.99 -2.69 -22.61
C SER A 78 30.70 -2.35 -23.34
N LEU A 79 30.71 -1.20 -24.02
CA LEU A 79 29.51 -0.75 -24.72
C LEU A 79 29.13 -1.69 -25.85
N ASP A 80 30.11 -2.23 -26.57
CA ASP A 80 29.84 -3.05 -27.74
C ASP A 80 30.10 -4.53 -27.50
N GLY A 81 30.49 -4.93 -26.29
CA GLY A 81 30.73 -6.33 -26.01
C GLY A 81 29.48 -7.18 -26.12
N ASP A 82 29.71 -8.48 -26.27
CA ASP A 82 28.66 -9.50 -26.34
C ASP A 82 28.13 -9.78 -24.94
N LEU A 83 26.83 -9.56 -24.74
CA LEU A 83 26.18 -9.80 -23.45
C LEU A 83 25.57 -11.19 -23.32
N SER A 84 25.73 -12.06 -24.33
CA SER A 84 25.05 -13.36 -24.34
C SER A 84 25.39 -14.18 -23.11
N SER A 85 26.63 -14.12 -22.64
CA SER A 85 27.02 -14.93 -21.49
C SER A 85 26.37 -14.41 -20.21
N ILE A 86 26.46 -13.10 -19.97
CA ILE A 86 25.91 -12.53 -18.74
C ILE A 86 24.38 -12.56 -18.74
N ALA A 87 23.76 -12.42 -19.91
CA ALA A 87 22.30 -12.34 -20.01
C ALA A 87 21.82 -13.33 -21.07
N PRO A 88 21.91 -14.64 -20.78
CA PRO A 88 21.45 -15.63 -21.78
C PRO A 88 19.99 -15.49 -22.14
N GLU A 89 19.17 -14.89 -21.27
CA GLU A 89 17.77 -14.66 -21.61
C GLU A 89 17.63 -13.78 -22.86
N LEU A 90 18.56 -12.83 -23.04
CA LEU A 90 18.54 -11.99 -24.23
C LEU A 90 19.02 -12.74 -25.46
N ALA A 91 20.13 -13.48 -25.33
CA ALA A 91 20.66 -14.23 -26.47
C ALA A 91 19.65 -15.21 -27.03
N ALA A 92 18.75 -15.74 -26.18
CA ALA A 92 17.78 -16.72 -26.62
C ALA A 92 16.55 -16.11 -27.28
N LYS A 93 16.41 -14.79 -27.24
CA LYS A 93 15.27 -14.16 -27.89
C LYS A 93 15.40 -14.23 -29.40
N TYR A 94 14.29 -14.49 -30.08
CA TYR A 94 14.23 -14.49 -31.53
C TYR A 94 13.59 -13.19 -32.00
N VAL A 95 13.75 -12.91 -33.29
CA VAL A 95 13.26 -11.68 -33.90
C VAL A 95 11.94 -11.96 -34.60
N LEU A 96 10.86 -11.37 -34.10
CA LEU A 96 9.55 -11.49 -34.72
C LEU A 96 9.44 -10.48 -35.86
N THR A 97 9.24 -10.97 -37.09
CA THR A 97 9.20 -10.09 -38.25
C THR A 97 7.79 -9.81 -38.76
N GLY A 98 6.81 -10.61 -38.37
CA GLY A 98 5.44 -10.37 -38.80
C GLY A 98 4.58 -11.60 -38.58
N PHE A 99 3.44 -11.60 -39.26
CA PHE A 99 2.49 -12.71 -39.21
C PHE A 99 2.03 -13.07 -40.62
N THR A 100 1.69 -14.35 -40.80
CA THR A 100 1.02 -14.83 -42.01
C THR A 100 -0.37 -14.18 -42.08
N ASP A 101 -1.19 -14.60 -43.03
CA ASP A 101 -2.57 -14.11 -42.98
C ASP A 101 -3.47 -15.02 -42.13
N ASP A 102 -3.07 -16.28 -41.89
CA ASP A 102 -3.73 -17.05 -40.85
C ASP A 102 -3.17 -16.73 -39.46
N GLU A 103 -2.44 -15.61 -39.34
CA GLU A 103 -1.95 -15.02 -38.09
C GLU A 103 -0.97 -15.93 -37.33
N SER A 104 -0.30 -16.83 -38.03
CA SER A 104 0.87 -17.54 -37.50
C SER A 104 2.05 -16.57 -37.40
N PRO A 105 2.75 -16.53 -36.27
CA PRO A 105 3.94 -15.68 -36.17
C PRO A 105 5.11 -16.16 -37.03
N LEU A 106 5.82 -15.19 -37.62
CA LEU A 106 7.08 -15.40 -38.31
C LEU A 106 8.21 -14.82 -37.48
N ASP A 107 9.24 -15.62 -37.20
CA ASP A 107 10.40 -15.14 -36.46
C ASP A 107 11.67 -15.63 -37.15
N ASP A 108 12.80 -15.07 -36.75
CA ASP A 108 14.11 -15.53 -37.18
C ASP A 108 15.07 -15.53 -36.01
N PRO A 109 16.10 -16.37 -36.03
CA PRO A 109 17.13 -16.29 -34.98
C PRO A 109 17.82 -14.93 -35.04
N PRO A 110 18.41 -14.47 -33.94
CA PRO A 110 19.10 -13.18 -33.96
C PRO A 110 20.35 -13.26 -34.81
N ALA A 111 20.57 -12.21 -35.60
CA ALA A 111 21.71 -12.18 -36.50
C ALA A 111 23.02 -11.84 -35.80
N ARG A 112 22.96 -11.24 -34.61
CA ARG A 112 24.16 -10.81 -33.92
C ARG A 112 23.84 -10.73 -32.43
N PRO A 113 24.87 -10.62 -31.58
CA PRO A 113 24.61 -10.47 -30.15
C PRO A 113 24.06 -9.09 -29.78
N ILE A 114 23.28 -9.07 -28.70
CA ILE A 114 22.83 -7.82 -28.11
C ILE A 114 23.93 -7.24 -27.22
N THR A 115 24.11 -5.92 -27.28
CA THR A 115 25.16 -5.24 -26.55
C THR A 115 24.56 -4.21 -25.59
N LEU A 116 25.41 -3.72 -24.69
CA LEU A 116 24.99 -2.70 -23.74
C LEU A 116 24.54 -1.43 -24.44
N LYS A 117 25.30 -0.98 -25.44
CA LYS A 117 24.91 0.19 -26.22
C LYS A 117 23.51 0.04 -26.78
N MET A 118 23.16 -1.15 -27.26
CA MET A 118 21.81 -1.39 -27.77
C MET A 118 20.77 -1.26 -26.66
N LEU A 119 21.08 -1.76 -25.46
CA LEU A 119 20.15 -1.64 -24.35
C LEU A 119 19.93 -0.18 -23.95
N LEU A 120 21.02 0.60 -23.89
CA LEU A 120 20.93 1.99 -23.45
C LEU A 120 20.22 2.89 -24.46
N THR A 121 20.20 2.51 -25.73
CA THR A 121 19.65 3.35 -26.79
C THR A 121 18.34 2.82 -27.35
N HIS A 122 17.81 1.73 -26.78
CA HIS A 122 16.55 1.14 -27.23
C HIS A 122 16.64 0.64 -28.67
N SER A 123 17.82 0.17 -29.05
CA SER A 123 18.05 -0.42 -30.37
C SER A 123 18.41 -1.89 -30.27
N SER A 124 18.05 -2.56 -29.17
CA SER A 124 18.29 -3.98 -29.03
C SER A 124 17.19 -4.84 -29.63
N GLY A 125 15.98 -4.30 -29.77
CA GLY A 125 14.83 -5.07 -30.16
C GLY A 125 13.80 -5.26 -29.06
N THR A 126 14.20 -5.12 -27.80
CA THR A 126 13.26 -5.30 -26.69
C THR A 126 12.31 -4.10 -26.64
N SER A 127 11.01 -4.37 -26.75
CA SER A 127 10.00 -3.33 -26.93
C SER A 127 8.90 -3.49 -25.90
N TYR A 128 8.39 -2.36 -25.41
CA TYR A 128 7.20 -2.36 -24.57
C TYR A 128 6.00 -2.88 -25.36
N HIS A 129 5.33 -3.89 -24.80
CA HIS A 129 4.17 -4.46 -25.50
C HIS A 129 3.07 -3.43 -25.71
N PHE A 130 2.94 -2.45 -24.83
CA PHE A 130 1.87 -1.46 -24.99
C PHE A 130 2.21 -0.37 -25.99
N LEU A 131 3.43 -0.35 -26.53
CA LEU A 131 3.79 0.57 -27.59
C LEU A 131 4.00 -0.09 -28.94
N ASP A 132 4.23 -1.40 -28.96
CA ASP A 132 4.58 -2.10 -30.19
C ASP A 132 3.43 -3.03 -30.56
N PRO A 133 2.62 -2.66 -31.56
CA PRO A 133 1.42 -3.46 -31.87
C PRO A 133 1.75 -4.90 -32.20
N SER A 134 2.88 -5.13 -32.88
CA SER A 134 3.27 -6.49 -33.24
C SER A 134 3.55 -7.34 -32.00
N ILE A 135 4.34 -6.78 -31.06
CA ILE A 135 4.63 -7.49 -29.82
C ILE A 135 3.37 -7.64 -28.96
N ALA A 136 2.47 -6.66 -29.03
CA ALA A 136 1.22 -6.77 -28.27
C ALA A 136 0.35 -7.91 -28.80
N LYS A 137 0.40 -8.15 -30.11
CA LYS A 137 -0.40 -9.24 -30.66
C LYS A 137 0.21 -10.59 -30.34
N TRP A 138 1.54 -10.70 -30.38
CA TRP A 138 2.22 -11.91 -29.91
C TRP A 138 1.90 -12.20 -28.45
N ARG A 139 1.88 -11.15 -27.61
CA ARG A 139 1.66 -11.35 -26.17
C ARG A 139 0.27 -11.89 -25.90
N ALA A 140 -0.72 -11.47 -26.69
CA ALA A 140 -2.10 -11.93 -26.55
C ALA A 140 -2.34 -13.31 -27.18
N GLN A 141 -1.34 -14.20 -27.13
CA GLN A 141 -1.51 -15.61 -27.49
C GLN A 141 -0.94 -16.42 -26.35
N TYR A 142 0.32 -16.13 -26.01
CA TYR A 142 1.03 -16.73 -24.89
C TYR A 142 0.60 -16.00 -23.62
N ALA A 143 -0.70 -16.00 -23.42
CA ALA A 143 -1.26 -15.18 -22.37
C ALA A 143 -0.80 -15.69 -21.02
N ASN A 144 -0.31 -14.77 -20.21
CA ASN A 144 -0.29 -15.00 -18.79
C ASN A 144 -1.77 -15.14 -18.42
N PRO A 145 -2.22 -16.29 -17.92
CA PRO A 145 -3.58 -16.31 -17.37
C PRO A 145 -3.66 -15.65 -16.00
N GLU A 146 -2.89 -14.57 -15.85
CA GLU A 146 -2.57 -13.90 -14.58
C GLU A 146 -2.19 -14.84 -13.44
N ASN A 147 -1.04 -15.50 -13.67
CA ASN A 147 -0.10 -15.75 -12.57
C ASN A 147 0.37 -14.39 -12.05
N GLU A 148 -0.09 -14.07 -10.84
CA GLU A 148 0.08 -12.82 -10.10
C GLU A 148 1.35 -12.78 -9.25
N LYS A 149 2.15 -13.82 -9.27
CA LYS A 149 3.41 -13.88 -8.52
C LYS A 149 4.35 -12.74 -8.93
N PRO A 150 4.98 -12.06 -7.97
CA PRO A 150 5.94 -11.00 -8.33
C PRO A 150 7.08 -11.56 -9.16
N ARG A 151 7.46 -10.80 -10.19
CA ARG A 151 8.37 -11.28 -11.22
C ARG A 151 9.63 -10.43 -11.28
N LEU A 152 10.76 -11.10 -11.45
CA LEU A 152 12.01 -10.41 -11.74
C LEU A 152 11.96 -9.80 -13.13
N VAL A 153 12.95 -8.95 -13.42
CA VAL A 153 13.07 -8.36 -14.76
C VAL A 153 13.00 -9.44 -15.83
N GLU A 154 13.82 -10.49 -15.69
CA GLU A 154 13.87 -11.52 -16.71
C GLU A 154 12.57 -12.30 -16.83
N GLU A 155 11.75 -12.35 -15.78
CA GLU A 155 10.48 -13.03 -15.85
C GLU A 155 9.34 -12.12 -16.27
N MET A 156 9.54 -10.81 -16.28
CA MET A 156 8.52 -9.90 -16.78
C MET A 156 8.61 -9.73 -18.28
N PHE A 157 9.82 -9.59 -18.82
CA PHE A 157 10.05 -9.18 -20.21
C PHE A 157 10.51 -10.40 -21.00
N THR A 158 9.56 -11.26 -21.35
CA THR A 158 9.86 -12.54 -21.97
C THR A 158 9.52 -12.58 -23.46
N TYR A 159 9.17 -11.44 -24.05
CA TYR A 159 8.73 -11.38 -25.44
C TYR A 159 9.90 -11.49 -26.41
N PRO A 160 9.64 -11.90 -27.65
CA PRO A 160 10.69 -11.89 -28.66
C PRO A 160 11.09 -10.48 -29.01
N LEU A 161 12.24 -10.36 -29.69
CA LEU A 161 12.67 -9.07 -30.15
C LEU A 161 11.73 -8.55 -31.23
N SER A 162 11.71 -7.22 -31.36
CA SER A 162 10.90 -6.57 -32.36
C SER A 162 11.66 -6.35 -33.66
N PHE A 163 12.98 -6.55 -33.69
CA PHE A 163 13.73 -6.36 -34.92
C PHE A 163 15.13 -6.88 -34.66
N GLN A 164 15.90 -7.03 -35.72
CA GLN A 164 17.23 -7.57 -35.56
C GLN A 164 18.05 -6.60 -34.71
N PRO A 165 18.78 -7.09 -33.72
CA PRO A 165 19.54 -6.20 -32.84
C PRO A 165 20.36 -5.17 -33.63
N GLY A 166 20.30 -3.93 -33.17
CA GLY A 166 21.06 -2.85 -33.77
C GLY A 166 20.43 -2.19 -34.98
N THR A 167 19.35 -2.75 -35.54
CA THR A 167 18.81 -2.28 -36.82
C THR A 167 17.53 -1.47 -36.67
N GLY A 168 17.05 -1.24 -35.46
CA GLY A 168 15.79 -0.54 -35.28
C GLY A 168 15.82 0.31 -34.02
N TRP A 169 14.68 0.98 -33.76
CA TRP A 169 14.49 1.71 -32.52
C TRP A 169 13.07 1.47 -32.04
N MET A 170 12.93 1.00 -30.80
CA MET A 170 11.64 1.03 -30.13
C MET A 170 11.86 1.07 -28.62
N TYR A 171 11.19 2.02 -27.97
CA TYR A 171 11.22 2.18 -26.52
C TYR A 171 10.82 0.89 -25.83
N GLY A 172 11.59 0.49 -24.82
CA GLY A 172 11.35 -0.77 -24.16
C GLY A 172 12.15 -0.99 -22.89
N PRO A 173 12.24 -2.25 -22.45
CA PRO A 173 12.88 -2.56 -21.16
C PRO A 173 14.40 -2.65 -21.23
N GLY A 174 15.01 -1.97 -22.21
CA GLY A 174 16.45 -2.06 -22.36
C GLY A 174 17.22 -1.75 -21.08
N LEU A 175 16.75 -0.77 -20.32
CA LEU A 175 17.43 -0.41 -19.07
C LEU A 175 17.03 -1.29 -17.90
N ASP A 176 15.89 -1.96 -17.97
CA ASP A 176 15.62 -3.01 -16.99
C ASP A 176 16.57 -4.18 -17.18
N TRP A 177 16.88 -4.52 -18.43
CA TRP A 177 17.91 -5.52 -18.71
C TRP A 177 19.29 -5.01 -18.31
N ALA A 178 19.58 -3.73 -18.60
CA ALA A 178 20.88 -3.18 -18.24
C ALA A 178 21.06 -3.14 -16.73
N GLY A 179 19.99 -2.83 -15.99
CA GLY A 179 20.06 -2.88 -14.54
C GLY A 179 20.36 -4.26 -14.02
N ARG A 180 19.71 -5.28 -14.58
CA ARG A 180 19.99 -6.66 -14.19
C ARG A 180 21.42 -7.04 -14.49
N VAL A 181 21.93 -6.60 -15.65
CA VAL A 181 23.33 -6.89 -16.00
C VAL A 181 24.26 -6.27 -14.98
N VAL A 182 23.95 -5.06 -14.52
CA VAL A 182 24.78 -4.42 -13.50
C VAL A 182 24.78 -5.24 -12.22
N GLU A 183 23.61 -5.75 -11.82
CA GLU A 183 23.55 -6.59 -10.62
C GLU A 183 24.38 -7.86 -10.79
N ARG A 184 24.27 -8.50 -11.95
CA ARG A 184 24.98 -9.76 -12.17
C ARG A 184 26.50 -9.55 -12.20
N VAL A 185 26.99 -8.52 -12.89
CA VAL A 185 28.44 -8.33 -12.98
C VAL A 185 29.05 -7.71 -11.73
N THR A 186 28.25 -7.07 -10.87
CA THR A 186 28.80 -6.54 -9.63
C THR A 186 28.59 -7.44 -8.44
N GLY A 187 27.65 -8.39 -8.52
CA GLY A 187 27.37 -9.26 -7.40
C GLY A 187 26.63 -8.60 -6.26
N GLY A 188 25.92 -7.50 -6.52
CA GLY A 188 25.07 -6.87 -5.53
C GLY A 188 23.80 -6.35 -6.18
N THR A 189 22.95 -5.74 -5.35
CA THR A 189 21.74 -5.17 -5.89
C THR A 189 22.05 -3.85 -6.62
N LEU A 190 21.12 -3.46 -7.50
CA LEU A 190 21.29 -2.20 -8.21
C LEU A 190 21.28 -1.02 -7.24
N MET A 191 20.41 -1.07 -6.23
CA MET A 191 20.37 -0.01 -5.22
C MET A 191 21.70 0.12 -4.49
N GLU A 192 22.35 -1.02 -4.20
CA GLU A 192 23.66 -0.97 -3.56
C GLU A 192 24.69 -0.28 -4.44
N PHE A 193 24.77 -0.67 -5.71
CA PHE A 193 25.69 -0.01 -6.64
C PHE A 193 25.42 1.48 -6.75
N MET A 194 24.16 1.86 -7.01
CA MET A 194 23.83 3.26 -7.20
C MET A 194 24.13 4.07 -5.94
N GLN A 195 23.81 3.52 -4.77
CA GLN A 195 24.08 4.22 -3.52
C GLN A 195 25.57 4.48 -3.35
N LYS A 196 26.40 3.50 -3.70
CA LYS A 196 27.84 3.68 -3.53
C LYS A 196 28.43 4.61 -4.58
N ARG A 197 28.01 4.48 -5.84
CA ARG A 197 28.70 5.12 -6.95
C ARG A 197 28.05 6.41 -7.44
N ILE A 198 26.76 6.61 -7.19
CA ILE A 198 26.05 7.80 -7.66
C ILE A 198 25.56 8.67 -6.50
N PHE A 199 24.87 8.06 -5.54
CA PHE A 199 24.24 8.85 -4.48
C PHE A 199 25.23 9.30 -3.42
N ASP A 200 26.06 8.39 -2.89
CA ASP A 200 27.07 8.79 -1.91
C ASP A 200 27.98 9.92 -2.39
N PRO A 201 28.57 9.87 -3.60
CA PRO A 201 29.45 10.99 -4.01
C PRO A 201 28.73 12.32 -4.08
N LEU A 202 27.41 12.32 -4.30
CA LEU A 202 26.63 13.55 -4.36
C LEU A 202 25.93 13.86 -3.06
N GLY A 203 26.20 13.11 -2.00
CA GLY A 203 25.54 13.32 -0.72
C GLY A 203 24.05 13.09 -0.74
N ILE A 204 23.58 12.15 -1.56
CA ILE A 204 22.17 11.79 -1.61
C ILE A 204 21.93 10.59 -0.68
N THR A 205 20.95 10.72 0.21
CA THR A 205 20.57 9.63 1.12
C THR A 205 19.09 9.32 1.10
N ASP A 206 18.28 10.02 0.31
CA ASP A 206 16.84 9.89 0.40
C ASP A 206 16.26 9.31 -0.87
N SER A 207 16.66 8.08 -1.20
CA SER A 207 16.29 7.42 -2.45
C SER A 207 16.02 5.95 -2.20
N GLN A 208 15.00 5.42 -2.88
CA GLN A 208 14.73 3.98 -2.89
C GLN A 208 14.06 3.59 -4.19
N PHE A 209 14.31 2.34 -4.61
CA PHE A 209 13.49 1.72 -5.64
C PHE A 209 12.16 1.30 -5.05
N TYR A 210 11.16 1.16 -5.91
CA TYR A 210 9.91 0.54 -5.48
C TYR A 210 10.24 -0.89 -5.05
N PRO A 211 9.63 -1.36 -3.94
CA PRO A 211 8.72 -0.62 -3.07
C PRO A 211 9.44 0.25 -2.05
N VAL A 212 8.91 1.44 -1.79
CA VAL A 212 9.52 2.33 -0.82
C VAL A 212 9.10 1.84 0.57
N THR A 213 10.06 1.35 1.34
CA THR A 213 9.77 0.83 2.67
C THR A 213 10.21 1.77 3.78
N ARG A 214 11.13 2.68 3.50
CA ARG A 214 11.68 3.53 4.55
C ARG A 214 10.63 4.48 5.09
N GLU A 215 10.50 4.48 6.42
CA GLU A 215 9.47 5.27 7.09
C GLU A 215 9.63 6.76 6.80
N ASP A 216 10.87 7.25 6.86
CA ASP A 216 11.11 8.67 6.64
C ASP A 216 10.75 9.08 5.21
N LEU A 217 11.07 8.24 4.23
CA LEU A 217 10.71 8.57 2.85
C LEU A 217 9.20 8.48 2.63
N ARG A 218 8.54 7.47 3.20
CA ARG A 218 7.09 7.34 3.03
C ARG A 218 6.35 8.55 3.59
N ALA A 219 6.86 9.16 4.66
CA ALA A 219 6.23 10.35 5.21
C ALA A 219 6.32 11.54 4.27
N ARG A 220 7.19 11.48 3.26
CA ARG A 220 7.37 12.58 2.32
C ARG A 220 6.98 12.21 0.88
N LEU A 221 6.44 11.01 0.67
CA LEU A 221 6.03 10.59 -0.67
C LEU A 221 4.82 11.40 -1.13
N VAL A 222 4.93 12.04 -2.29
CA VAL A 222 3.77 12.69 -2.89
C VAL A 222 2.71 11.66 -3.26
N ASP A 223 3.15 10.49 -3.71
CA ASP A 223 2.25 9.49 -4.28
C ASP A 223 1.68 8.51 -3.26
N LEU A 224 1.96 8.72 -1.97
CA LEU A 224 1.26 8.00 -0.90
C LEU A 224 0.11 8.89 -0.45
N ASN A 225 -1.10 8.59 -0.91
CA ASN A 225 -2.24 9.44 -0.66
C ASN A 225 -3.52 8.63 -0.85
N PRO A 226 -4.69 9.20 -0.54
CA PRO A 226 -5.93 8.41 -0.65
C PRO A 226 -6.21 7.86 -2.04
N SER A 227 -5.80 8.56 -3.10
CA SER A 227 -5.96 8.02 -4.45
C SER A 227 -4.95 6.93 -4.77
N ASP A 228 -3.93 6.74 -3.93
CA ASP A 228 -2.84 5.83 -4.23
C ASP A 228 -2.28 5.28 -2.93
N PRO A 229 -3.08 4.52 -2.17
CA PRO A 229 -2.58 3.98 -0.88
C PRO A 229 -1.39 3.05 -1.03
N GLY A 230 -1.18 2.48 -2.21
CA GLY A 230 -0.03 1.64 -2.45
C GLY A 230 1.25 2.37 -2.80
N ALA A 231 1.20 3.69 -2.94
CA ALA A 231 2.34 4.49 -3.41
C ALA A 231 2.95 3.88 -4.66
N LEU A 232 2.09 3.61 -5.63
CA LEU A 232 2.51 2.96 -6.88
C LEU A 232 2.97 3.95 -7.93
N GLY A 233 2.69 5.24 -7.76
CA GLY A 233 2.98 6.22 -8.78
C GLY A 233 1.93 6.37 -9.85
N SER A 234 0.68 6.00 -9.55
CA SER A 234 -0.39 6.04 -10.54
C SER A 234 -0.51 7.39 -11.23
N ALA A 235 -0.39 8.48 -10.46
CA ALA A 235 -0.57 9.81 -11.03
C ALA A 235 0.51 10.13 -12.07
N VAL A 236 1.72 9.63 -11.86
CA VAL A 236 2.80 9.90 -12.82
C VAL A 236 2.62 9.06 -14.07
N ILE A 237 2.28 7.78 -13.91
CA ILE A 237 2.11 6.88 -15.04
C ILE A 237 0.87 7.23 -15.86
N GLY A 238 -0.08 7.97 -15.29
CA GLY A 238 -1.27 8.36 -16.03
C GLY A 238 -2.44 7.43 -15.82
N GLY A 239 -2.28 6.38 -15.03
CA GLY A 239 -3.27 5.35 -14.85
C GLY A 239 -2.54 4.10 -14.39
N GLY A 240 -3.11 3.35 -13.48
CA GLY A 240 -2.46 2.17 -12.97
C GLY A 240 -2.58 0.88 -13.77
N GLY A 241 -1.59 0.59 -14.63
CA GLY A 241 -1.46 -0.73 -15.19
C GLY A 241 -0.27 -1.43 -14.57
N GLU A 242 -0.18 -1.32 -13.25
CA GLU A 242 1.10 -1.25 -12.55
C GLU A 242 2.03 -2.44 -12.75
N MET A 243 3.10 -2.18 -13.50
CA MET A 243 4.28 -3.04 -13.46
C MET A 243 4.90 -3.06 -12.07
N ASN A 244 4.85 -1.93 -11.36
CA ASN A 244 5.44 -1.86 -10.02
C ASN A 244 4.86 -2.92 -9.10
N LEU A 245 3.54 -3.09 -9.09
CA LEU A 245 2.93 -4.01 -8.14
C LEU A 245 3.28 -5.45 -8.48
N ARG A 246 3.48 -5.76 -9.76
CA ARG A 246 3.75 -7.13 -10.20
C ARG A 246 5.24 -7.45 -10.28
N GLY A 247 6.11 -6.54 -9.86
CA GLY A 247 7.53 -6.72 -9.96
C GLY A 247 8.19 -7.21 -8.67
N ARG A 248 9.42 -7.71 -8.83
CA ARG A 248 10.24 -8.19 -7.72
C ARG A 248 11.66 -7.70 -7.98
N GLY A 249 12.31 -7.14 -6.97
CA GLY A 249 13.62 -6.54 -7.17
C GLY A 249 13.54 -5.17 -7.82
N ALA A 250 14.72 -4.61 -8.09
CA ALA A 250 14.84 -3.28 -8.69
C ALA A 250 14.56 -3.34 -10.18
N PHE A 251 13.79 -2.37 -10.68
CA PHE A 251 13.55 -2.19 -12.11
C PHE A 251 14.21 -0.90 -12.57
N GLY A 252 15.38 -1.04 -13.21
CA GLY A 252 16.13 0.09 -13.70
C GLY A 252 15.46 0.87 -14.80
N GLY A 253 14.34 0.37 -15.34
CA GLY A 253 13.59 1.12 -16.32
C GLY A 253 12.73 2.22 -15.73
N HIS A 254 12.27 2.05 -14.49
CA HIS A 254 11.21 2.93 -13.98
C HIS A 254 11.06 3.00 -12.46
N GLY A 255 11.98 2.39 -11.69
CA GLY A 255 11.68 2.12 -10.29
C GLY A 255 12.02 3.16 -9.25
N LEU A 256 12.82 4.18 -9.55
CA LEU A 256 13.42 5.01 -8.51
C LEU A 256 12.46 6.10 -7.99
N PHE A 257 12.63 6.42 -6.70
CA PHE A 257 12.02 7.57 -6.06
C PHE A 257 13.13 8.50 -5.58
N LEU A 258 12.94 9.82 -5.77
CA LEU A 258 14.01 10.78 -5.57
C LEU A 258 13.39 12.16 -5.39
N THR A 259 14.09 13.04 -4.68
CA THR A 259 13.64 14.44 -4.63
C THR A 259 14.10 15.17 -5.88
N GLY A 260 13.35 16.23 -6.23
CA GLY A 260 13.77 17.08 -7.33
C GLY A 260 15.15 17.67 -7.13
N LEU A 261 15.43 18.11 -5.90
CA LEU A 261 16.74 18.70 -5.60
C LEU A 261 17.86 17.70 -5.81
N ASP A 262 17.63 16.43 -5.46
CA ASP A 262 18.66 15.43 -5.64
C ASP A 262 18.81 15.02 -7.10
N PHE A 263 17.69 14.98 -7.84
CA PHE A 263 17.77 14.64 -9.26
C PHE A 263 18.61 15.65 -10.03
N VAL A 264 18.47 16.94 -9.72
CA VAL A 264 19.20 17.96 -10.46
C VAL A 264 20.70 17.93 -10.11
N LYS A 265 21.06 17.42 -8.94
CA LYS A 265 22.49 17.20 -8.65
C LYS A 265 23.11 16.25 -9.65
N ILE A 266 22.37 15.21 -10.05
CA ILE A 266 22.86 14.28 -11.05
C ILE A 266 22.98 14.96 -12.41
N LEU A 267 21.93 15.70 -12.80
CA LEU A 267 21.97 16.44 -14.05
C LEU A 267 23.15 17.41 -14.09
N ARG A 268 23.39 18.12 -12.99
CA ARG A 268 24.38 19.17 -13.01
C ARG A 268 25.80 18.60 -13.04
N SER A 269 26.03 17.47 -12.37
CA SER A 269 27.32 16.80 -12.48
C SER A 269 27.64 16.42 -13.93
N LEU A 270 26.64 15.95 -14.67
CA LEU A 270 26.84 15.70 -16.10
C LEU A 270 27.06 16.99 -16.87
N LEU A 271 26.27 18.03 -16.57
CA LEU A 271 26.39 19.30 -17.28
C LEU A 271 27.76 19.93 -17.04
N ALA A 272 28.20 19.96 -15.79
CA ALA A 272 29.51 20.51 -15.47
C ALA A 272 30.64 19.57 -15.87
N ASN A 273 30.35 18.29 -16.04
CA ASN A 273 31.35 17.28 -16.38
C ASN A 273 32.50 17.31 -15.37
N ASP A 274 32.13 17.20 -14.09
CA ASP A 274 33.05 17.46 -12.98
C ASP A 274 33.70 16.20 -12.43
N GLY A 275 33.57 15.07 -13.11
CA GLY A 275 34.23 13.85 -12.69
C GLY A 275 33.65 13.15 -11.49
N MET A 276 32.54 13.64 -10.92
CA MET A 276 32.00 13.01 -9.71
C MET A 276 31.39 11.65 -10.00
N LEU A 277 30.81 11.47 -11.19
CA LEU A 277 30.16 10.22 -11.56
C LEU A 277 30.90 9.44 -12.63
N LEU A 278 31.42 10.13 -13.65
CA LEU A 278 32.06 9.49 -14.79
C LEU A 278 33.20 10.40 -15.25
N LYS A 279 34.21 9.80 -15.87
CA LYS A 279 35.28 10.60 -16.41
C LYS A 279 34.77 11.44 -17.59
N PRO A 280 35.35 12.63 -17.81
CA PRO A 280 34.79 13.56 -18.80
C PRO A 280 34.58 12.96 -20.19
N ALA A 281 35.52 12.14 -20.67
CA ALA A 281 35.36 11.56 -22.00
C ALA A 281 34.19 10.60 -22.06
N ALA A 282 33.92 9.87 -20.97
CA ALA A 282 32.76 8.99 -20.93
C ALA A 282 31.47 9.78 -20.99
N VAL A 283 31.43 10.94 -20.32
CA VAL A 283 30.24 11.79 -20.36
C VAL A 283 30.05 12.36 -21.76
N ASP A 284 31.12 12.89 -22.37
CA ASP A 284 31.03 13.41 -23.73
C ASP A 284 30.39 12.40 -24.67
N ASN A 285 30.73 11.12 -24.50
CA ASN A 285 30.21 10.08 -25.38
C ASN A 285 28.71 9.86 -25.19
N MET A 286 28.15 10.23 -24.03
CA MET A 286 26.71 10.14 -23.85
C MET A 286 25.98 11.06 -24.82
N PHE A 287 26.59 12.20 -25.16
CA PHE A 287 25.95 13.24 -25.95
C PHE A 287 26.27 13.09 -27.44
N GLN A 288 26.14 11.87 -27.96
CA GLN A 288 26.40 11.57 -29.36
C GLN A 288 25.31 10.67 -29.91
N GLN A 289 25.08 10.75 -31.21
CA GLN A 289 24.17 9.82 -31.88
C GLN A 289 24.77 8.42 -31.82
N HIS A 290 24.04 7.48 -31.23
CA HIS A 290 24.51 6.10 -31.11
C HIS A 290 23.61 5.11 -31.83
N LEU A 291 22.71 5.60 -32.69
CA LEU A 291 21.96 4.75 -33.59
C LEU A 291 22.67 4.66 -34.94
N GLY A 292 22.79 3.45 -35.47
CA GLY A 292 23.26 3.26 -36.80
C GLY A 292 22.23 3.68 -37.84
N PRO A 293 22.60 3.55 -39.12
CA PRO A 293 21.69 4.04 -40.18
C PRO A 293 20.30 3.42 -40.16
N GLU A 294 20.19 2.09 -40.05
CA GLU A 294 18.86 1.48 -40.03
C GLU A 294 18.10 1.84 -38.76
N ALA A 295 18.79 1.82 -37.62
CA ALA A 295 18.14 2.19 -36.36
C ALA A 295 17.68 3.64 -36.39
N ALA A 296 18.48 4.53 -36.98
CA ALA A 296 18.08 5.94 -37.07
C ALA A 296 16.83 6.11 -37.91
N ALA A 297 16.74 5.41 -39.04
CA ALA A 297 15.53 5.49 -39.86
C ALA A 297 14.32 4.92 -39.11
N SER A 298 14.51 3.83 -38.38
CA SER A 298 13.44 3.30 -37.54
C SER A 298 13.04 4.30 -36.47
N HIS A 299 14.04 4.97 -35.87
CA HIS A 299 13.76 6.00 -34.87
C HIS A 299 12.88 7.12 -35.46
N ARG A 300 13.28 7.66 -36.61
CA ARG A 300 12.51 8.74 -37.22
C ARG A 300 11.10 8.29 -37.59
N ALA A 301 10.93 7.01 -37.93
CA ALA A 301 9.59 6.50 -38.23
C ALA A 301 8.72 6.48 -36.99
N ALA A 302 9.26 6.02 -35.86
CA ALA A 302 8.52 6.10 -34.61
C ALA A 302 8.18 7.55 -34.26
N LEU A 303 9.13 8.46 -34.47
CA LEU A 303 8.90 9.88 -34.18
C LEU A 303 7.79 10.46 -35.06
N ALA A 304 7.55 9.87 -36.23
CA ALA A 304 6.47 10.31 -37.11
C ALA A 304 5.19 9.53 -36.91
N SER A 305 5.23 8.46 -36.11
CA SER A 305 4.09 7.61 -35.84
C SER A 305 3.11 8.31 -34.89
N PRO A 306 1.94 7.71 -34.64
CA PRO A 306 0.99 8.34 -33.69
C PRO A 306 1.53 8.47 -32.27
N LEU A 307 2.52 7.68 -31.89
CA LEU A 307 3.19 7.83 -30.61
C LEU A 307 4.33 8.85 -30.64
N GLY A 308 4.60 9.44 -31.81
CA GLY A 308 5.67 10.40 -31.95
C GLY A 308 5.72 11.53 -30.93
N PRO A 309 4.58 12.13 -30.58
CA PRO A 309 4.65 13.22 -29.57
C PRO A 309 5.26 12.79 -28.24
N PHE A 310 5.03 11.54 -27.81
CA PHE A 310 5.70 11.07 -26.62
C PHE A 310 7.19 10.90 -26.85
N PHE A 311 7.56 10.32 -27.99
CA PHE A 311 8.97 10.07 -28.29
C PHE A 311 9.74 11.35 -28.60
N ARG A 312 9.06 12.44 -28.95
CA ARG A 312 9.75 13.68 -29.29
C ARG A 312 10.05 14.55 -28.08
N VAL A 313 9.44 14.27 -26.93
CA VAL A 313 9.69 14.96 -25.68
C VAL A 313 9.57 16.47 -25.88
N GLY A 314 8.58 16.89 -26.67
CA GLY A 314 8.33 18.30 -26.91
C GLY A 314 9.13 18.96 -28.02
N THR A 315 10.14 18.28 -28.58
CA THR A 315 10.89 18.85 -29.69
C THR A 315 10.03 18.93 -30.96
N ASP A 316 10.34 19.91 -31.80
CA ASP A 316 9.54 20.15 -32.98
C ASP A 316 9.81 19.09 -34.05
N PRO A 317 8.79 18.71 -34.83
CA PRO A 317 9.00 17.71 -35.90
C PRO A 317 10.05 18.11 -36.93
N GLU A 318 10.36 19.40 -37.08
CA GLU A 318 11.39 19.82 -38.02
C GLU A 318 12.80 19.71 -37.46
N THR A 319 12.96 19.47 -36.16
CA THR A 319 14.27 19.39 -35.54
C THR A 319 14.83 17.99 -35.69
N LYS A 320 16.03 17.87 -36.25
CA LYS A 320 16.68 16.58 -36.38
C LYS A 320 17.19 16.10 -35.02
N VAL A 321 16.92 14.84 -34.72
CA VAL A 321 17.24 14.25 -33.43
C VAL A 321 17.81 12.85 -33.63
N GLY A 322 18.58 12.40 -32.65
CA GLY A 322 19.05 11.04 -32.58
C GLY A 322 18.79 10.50 -31.18
N TYR A 323 19.45 9.42 -30.79
CA TYR A 323 19.33 8.91 -29.43
C TYR A 323 20.72 8.69 -28.87
N GLY A 324 21.02 9.36 -27.75
CA GLY A 324 22.29 9.20 -27.07
C GLY A 324 22.20 8.17 -25.96
N LEU A 325 23.24 8.17 -25.13
CA LEU A 325 23.28 7.30 -23.95
C LEU A 325 22.56 8.04 -22.83
N GLY A 326 21.26 7.80 -22.72
CA GLY A 326 20.48 8.44 -21.68
C GLY A 326 19.18 9.10 -22.11
N GLY A 327 19.00 9.33 -23.40
CA GLY A 327 17.76 9.94 -23.85
C GLY A 327 17.83 10.38 -25.30
N LEU A 328 16.79 11.11 -25.69
CA LEU A 328 16.77 11.76 -26.99
C LEU A 328 17.85 12.83 -27.08
N LEU A 329 18.46 12.96 -28.26
CA LEU A 329 19.55 13.89 -28.49
C LEU A 329 19.21 14.78 -29.68
N THR A 330 19.13 16.10 -29.45
CA THR A 330 18.92 17.01 -30.57
C THR A 330 20.19 17.13 -31.39
N LEU A 331 20.03 17.29 -32.70
CA LEU A 331 21.18 17.35 -33.60
C LEU A 331 21.32 18.71 -34.29
N GLU A 332 20.51 19.69 -33.90
CA GLU A 332 20.70 21.05 -34.42
C GLU A 332 20.20 22.03 -33.37
N ASP A 333 20.74 23.25 -33.43
CA ASP A 333 20.27 24.31 -32.53
C ASP A 333 18.82 24.67 -32.82
N VAL A 334 18.10 24.99 -31.75
CA VAL A 334 16.89 25.81 -31.83
C VAL A 334 17.20 27.11 -31.10
N ASP A 335 17.26 28.22 -31.84
CA ASP A 335 17.63 29.48 -31.21
C ASP A 335 16.58 29.87 -30.18
N GLY A 336 17.04 30.28 -29.01
CA GLY A 336 16.17 30.59 -27.88
C GLY A 336 15.75 29.39 -27.07
N TRP A 337 16.16 28.19 -27.45
CA TRP A 337 15.78 26.97 -26.75
C TRP A 337 16.95 25.99 -26.77
N TYR A 338 16.66 24.68 -26.85
CA TYR A 338 17.72 23.67 -26.73
C TYR A 338 18.81 23.88 -27.75
N GLY A 339 20.06 23.93 -27.28
CA GLY A 339 21.20 23.87 -28.18
C GLY A 339 21.38 22.48 -28.75
N GLU A 340 22.19 22.38 -29.80
CA GLU A 340 22.45 21.07 -30.39
C GLU A 340 23.09 20.16 -29.36
N ARG A 341 22.82 18.86 -29.49
CA ARG A 341 23.29 17.84 -28.55
C ARG A 341 22.73 18.04 -27.15
N THR A 342 21.53 18.61 -27.06
CA THR A 342 20.80 18.55 -25.80
C THR A 342 20.25 17.15 -25.59
N LEU A 343 20.43 16.61 -24.39
CA LEU A 343 19.90 15.32 -24.02
C LEU A 343 18.64 15.53 -23.19
N THR A 344 17.58 14.78 -23.49
CA THR A 344 16.31 15.00 -22.84
C THR A 344 15.47 13.73 -22.82
N TRP A 345 14.79 13.50 -21.70
CA TRP A 345 13.78 12.45 -21.61
C TRP A 345 12.80 12.83 -20.50
N GLY A 346 12.17 11.84 -19.89
CA GLY A 346 11.16 12.14 -18.90
C GLY A 346 10.65 10.90 -18.22
N GLY A 347 9.61 11.08 -17.41
CA GLY A 347 8.95 9.99 -16.73
C GLY A 347 7.45 10.12 -16.78
N GLY A 348 6.75 9.02 -17.09
CA GLY A 348 5.30 9.03 -17.15
C GLY A 348 4.80 10.04 -18.15
N LEU A 349 3.67 10.66 -17.80
CA LEU A 349 3.11 11.74 -18.58
C LEU A 349 3.41 13.11 -17.97
N THR A 350 4.01 13.14 -16.77
CA THR A 350 4.04 14.33 -15.95
C THR A 350 5.44 14.89 -15.69
N LEU A 351 6.51 14.17 -16.04
CA LEU A 351 7.86 14.57 -15.67
C LEU A 351 8.75 14.60 -16.89
N THR A 352 9.59 15.63 -17.00
CA THR A 352 10.55 15.73 -18.09
C THR A 352 11.81 16.42 -17.59
N TRP A 353 12.95 16.09 -18.22
CA TRP A 353 14.23 16.67 -17.86
C TRP A 353 15.06 16.90 -19.12
N PHE A 354 16.05 17.80 -19.02
CA PHE A 354 16.94 18.07 -20.13
C PHE A 354 18.32 18.46 -19.60
N ILE A 355 19.35 18.21 -20.42
CA ILE A 355 20.71 18.68 -20.17
C ILE A 355 21.20 19.34 -21.46
N ASP A 356 21.37 20.65 -21.45
CA ASP A 356 21.76 21.44 -22.62
C ASP A 356 23.17 21.97 -22.37
N ARG A 357 24.16 21.23 -22.87
CA ARG A 357 25.55 21.61 -22.63
C ARG A 357 25.95 22.87 -23.39
N LYS A 358 25.50 22.99 -24.64
CA LYS A 358 25.92 24.13 -25.46
C LYS A 358 25.48 25.45 -24.83
N ASN A 359 24.24 25.51 -24.33
CA ASN A 359 23.73 26.72 -23.70
C ASN A 359 23.91 26.73 -22.18
N ASN A 360 24.49 25.67 -21.62
CA ASN A 360 24.82 25.60 -20.19
C ASN A 360 23.57 25.74 -19.31
N LEU A 361 22.68 24.76 -19.43
CA LEU A 361 21.48 24.71 -18.60
C LEU A 361 20.99 23.28 -18.52
N CYS A 362 20.52 22.89 -17.33
CA CYS A 362 19.83 21.63 -17.11
C CYS A 362 18.66 21.88 -16.17
N GLY A 363 17.72 20.95 -16.16
CA GLY A 363 16.56 21.11 -15.30
C GLY A 363 15.60 19.94 -15.42
N VAL A 364 14.81 19.77 -14.36
CA VAL A 364 13.74 18.78 -14.31
C VAL A 364 12.45 19.49 -13.94
N GLY A 365 11.35 19.08 -14.58
CA GLY A 365 10.04 19.62 -14.27
C GLY A 365 9.06 18.49 -14.06
N ALA A 366 8.47 18.39 -12.87
CA ALA A 366 7.68 17.24 -12.47
C ALA A 366 6.31 17.69 -11.98
N ILE A 367 5.30 17.56 -12.83
CA ILE A 367 3.93 17.88 -12.46
C ILE A 367 3.39 16.80 -11.52
N GLN A 368 2.65 17.21 -10.50
CA GLN A 368 2.01 16.30 -9.56
C GLN A 368 0.51 16.34 -9.84
N ALA A 369 0.04 15.37 -10.62
CA ALA A 369 -1.29 15.41 -11.23
C ALA A 369 -2.35 14.74 -10.36
N VAL A 370 -3.61 15.00 -10.72
CA VAL A 370 -4.78 14.42 -10.06
C VAL A 370 -5.39 13.37 -10.97
N LEU A 371 -5.64 12.18 -10.42
CA LEU A 371 -6.31 11.10 -11.15
C LEU A 371 -7.78 11.48 -11.42
N PRO A 372 -8.26 11.25 -12.65
CA PRO A 372 -7.57 10.70 -13.82
C PRO A 372 -6.76 11.77 -14.53
N VAL A 373 -5.59 11.40 -15.04
CA VAL A 373 -4.62 12.38 -15.52
C VAL A 373 -5.00 12.80 -16.94
N ASP A 374 -5.17 14.11 -17.13
CA ASP A 374 -5.45 14.69 -18.44
C ASP A 374 -4.16 14.73 -19.24
N GLY A 375 -4.03 13.82 -20.21
CA GLY A 375 -2.77 13.70 -20.93
C GLY A 375 -2.44 14.93 -21.76
N ASP A 376 -3.44 15.50 -22.44
CA ASP A 376 -3.19 16.69 -23.24
C ASP A 376 -2.72 17.86 -22.38
N LEU A 377 -3.31 18.00 -21.19
CA LEU A 377 -2.89 19.07 -20.28
C LEU A 377 -1.47 18.86 -19.79
N MET A 378 -1.06 17.61 -19.55
CA MET A 378 0.30 17.36 -19.08
C MET A 378 1.33 17.78 -20.12
N ALA A 379 1.07 17.48 -21.39
CA ALA A 379 1.97 17.91 -22.45
C ALA A 379 2.12 19.43 -22.45
N ASP A 380 1.01 20.15 -22.31
CA ASP A 380 1.06 21.60 -22.30
C ASP A 380 1.84 22.12 -21.09
N LEU A 381 1.59 21.55 -19.91
CA LEU A 381 2.32 21.97 -18.72
C LEU A 381 3.82 21.69 -18.86
N LYS A 382 4.18 20.52 -19.39
CA LYS A 382 5.59 20.22 -19.60
C LYS A 382 6.22 21.19 -20.59
N GLN A 383 5.53 21.48 -21.69
CA GLN A 383 6.04 22.46 -22.65
C GLN A 383 6.24 23.83 -22.01
N THR A 384 5.29 24.25 -21.17
CA THR A 384 5.43 25.54 -20.51
C THR A 384 6.71 25.57 -19.67
N PHE A 385 6.98 24.51 -18.91
CA PHE A 385 8.23 24.44 -18.18
C PHE A 385 9.43 24.51 -19.11
N ARG A 386 9.43 23.67 -20.16
CA ARG A 386 10.61 23.56 -21.02
C ARG A 386 10.97 24.88 -21.67
N HIS A 387 10.00 25.73 -21.96
CA HIS A 387 10.29 27.03 -22.58
C HIS A 387 10.41 28.16 -21.56
N ASP A 388 9.57 28.15 -20.52
CA ASP A 388 9.64 29.21 -19.51
C ASP A 388 10.99 29.25 -18.81
N ILE A 389 11.60 28.09 -18.59
CA ILE A 389 12.89 28.07 -17.90
C ILE A 389 13.96 28.77 -18.73
N TYR A 390 13.89 28.63 -20.07
CA TYR A 390 14.83 29.37 -20.91
C TYR A 390 14.52 30.86 -20.89
N ARG A 391 13.24 31.22 -20.76
CA ARG A 391 12.91 32.64 -20.67
C ARG A 391 13.43 33.22 -19.37
N LYS A 392 13.35 32.45 -18.27
CA LYS A 392 13.92 32.89 -17.01
C LYS A 392 15.43 32.97 -17.08
N TYR A 393 16.07 32.02 -17.77
CA TYR A 393 17.52 32.05 -17.92
C TYR A 393 17.96 33.27 -18.71
N SER A 394 17.26 33.59 -19.80
CA SER A 394 17.58 34.79 -20.58
C SER A 394 17.48 36.06 -19.72
N ALA A 395 16.38 36.20 -19.00
CA ALA A 395 16.20 37.39 -18.14
C ALA A 395 17.36 37.53 -17.16
N TRP A 396 17.78 36.44 -16.53
CA TRP A 396 18.88 36.51 -15.58
C TRP A 396 20.18 36.91 -16.27
N LYS A 397 20.45 36.31 -17.44
CA LYS A 397 21.66 36.67 -18.18
C LYS A 397 21.64 38.15 -18.58
N GLY A 398 20.45 38.67 -18.90
CA GLY A 398 20.32 40.08 -19.23
C GLY A 398 20.54 41.01 -18.07
N GLN A 399 20.37 40.53 -16.84
CA GLN A 399 20.52 41.38 -15.67
C GLN A 399 21.93 41.42 -15.12
N GLN A 400 22.87 40.69 -15.72
CA GLN A 400 24.25 40.66 -15.21
C GLN A 400 25.07 41.82 -15.76
N HIS B 1 -7.34 -32.44 13.93
CA HIS B 1 -6.50 -31.68 14.86
C HIS B 1 -5.82 -30.57 14.06
N MET B 2 -5.26 -29.58 14.76
CA MET B 2 -4.72 -28.40 14.09
C MET B 2 -3.62 -28.77 13.09
N ASP B 3 -2.66 -29.61 13.51
CA ASP B 3 -1.47 -29.84 12.69
C ASP B 3 -1.84 -30.36 11.30
N THR B 4 -2.61 -31.44 11.22
CA THR B 4 -2.96 -31.97 9.91
C THR B 4 -4.04 -31.13 9.22
N THR B 5 -4.96 -30.55 9.98
CA THR B 5 -5.99 -29.71 9.36
C THR B 5 -5.42 -28.44 8.78
N PHE B 6 -4.51 -27.77 9.51
CA PHE B 6 -3.88 -26.57 8.97
C PHE B 6 -3.04 -26.88 7.74
N GLN B 7 -2.29 -27.98 7.78
CA GLN B 7 -1.43 -28.33 6.66
C GLN B 7 -2.24 -28.62 5.40
N ALA B 8 -3.40 -29.24 5.56
CA ALA B 8 -4.27 -29.51 4.41
C ALA B 8 -4.74 -28.21 3.76
N ALA B 9 -5.06 -27.20 4.56
CA ALA B 9 -5.47 -25.91 4.01
C ALA B 9 -4.31 -25.19 3.35
N ILE B 10 -3.09 -25.36 3.86
CA ILE B 10 -1.92 -24.83 3.18
C ILE B 10 -1.72 -25.53 1.83
N ASP B 11 -1.86 -26.86 1.81
CA ASP B 11 -1.60 -27.61 0.59
C ASP B 11 -2.57 -27.23 -0.53
N THR B 12 -3.82 -26.93 -0.19
CA THR B 12 -4.79 -26.55 -1.20
C THR B 12 -4.62 -25.10 -1.65
N GLY B 13 -3.72 -24.34 -1.03
CA GLY B 13 -3.47 -22.97 -1.40
C GLY B 13 -4.45 -21.96 -0.84
N LYS B 14 -5.33 -22.36 0.07
CA LYS B 14 -6.34 -21.47 0.61
C LYS B 14 -5.88 -20.69 1.83
N ILE B 15 -4.82 -21.11 2.51
CA ILE B 15 -4.19 -20.31 3.56
C ILE B 15 -2.68 -20.38 3.37
N ASN B 16 -1.99 -19.37 3.93
CA ASN B 16 -0.54 -19.36 3.98
C ASN B 16 0.01 -19.85 5.30
N GLY B 17 -0.71 -19.63 6.39
CA GLY B 17 -0.22 -20.04 7.69
C GLY B 17 -1.23 -19.73 8.78
N ALA B 18 -0.76 -19.81 10.02
CA ALA B 18 -1.61 -19.52 11.17
C ALA B 18 -0.73 -19.24 12.38
N VAL B 19 -1.29 -18.49 13.32
CA VAL B 19 -0.64 -18.21 14.61
C VAL B 19 -1.64 -18.54 15.71
N VAL B 20 -1.22 -19.38 16.67
CA VAL B 20 -2.05 -19.83 17.76
C VAL B 20 -1.29 -19.63 19.06
N CYS B 21 -1.94 -19.02 20.05
CA CYS B 21 -1.34 -18.78 21.36
C CYS B 21 -2.40 -19.06 22.43
N ALA B 22 -2.09 -19.98 23.35
CA ALA B 22 -3.00 -20.31 24.43
C ALA B 22 -2.22 -20.56 25.71
N THR B 23 -2.89 -20.36 26.84
CA THR B 23 -2.26 -20.50 28.15
C THR B 23 -3.32 -20.59 29.23
N ASP B 24 -2.96 -21.22 30.34
CA ASP B 24 -3.74 -21.08 31.57
C ASP B 24 -3.26 -19.84 32.32
N ALA B 25 -3.87 -19.57 33.47
CA ALA B 25 -3.61 -18.32 34.18
C ALA B 25 -2.16 -18.22 34.66
N GLN B 26 -1.54 -19.34 35.02
CA GLN B 26 -0.23 -19.32 35.66
C GLN B 26 0.91 -19.57 34.69
N GLY B 27 0.63 -19.81 33.41
CA GLY B 27 1.68 -20.16 32.48
C GLY B 27 2.24 -21.55 32.70
N HIS B 28 1.46 -22.45 33.29
CA HIS B 28 1.89 -23.84 33.43
C HIS B 28 1.67 -24.61 32.14
N PHE B 29 0.43 -24.62 31.65
CA PHE B 29 0.15 -25.09 30.30
C PHE B 29 0.24 -23.93 29.32
N VAL B 30 1.13 -24.03 28.34
CA VAL B 30 1.33 -23.01 27.32
C VAL B 30 1.46 -23.69 25.96
N TYR B 31 0.76 -23.17 24.96
CA TYR B 31 0.89 -23.66 23.59
C TYR B 31 1.01 -22.48 22.65
N ASN B 32 2.17 -22.36 22.01
CA ASN B 32 2.43 -21.32 21.02
C ASN B 32 2.95 -22.01 19.77
N LYS B 33 2.35 -21.70 18.61
CA LYS B 33 2.76 -22.34 17.37
C LYS B 33 2.46 -21.42 16.21
N ALA B 34 3.47 -21.11 15.41
CA ALA B 34 3.31 -20.44 14.13
C ALA B 34 3.52 -21.47 13.04
N THR B 35 2.60 -21.50 12.09
CA THR B 35 2.57 -22.51 11.03
C THR B 35 2.58 -21.80 9.68
N GLY B 36 3.32 -22.35 8.71
CA GLY B 36 3.28 -21.87 7.35
C GLY B 36 4.28 -20.80 6.98
N GLU B 37 3.90 -19.89 6.07
CA GLU B 37 4.80 -18.88 5.53
C GLU B 37 4.07 -17.57 5.27
N ARG B 38 4.83 -16.47 5.31
CA ARG B 38 4.37 -15.15 4.92
C ARG B 38 5.15 -14.67 3.70
N THR B 39 4.52 -13.76 2.96
CA THR B 39 5.15 -13.08 1.83
C THR B 39 5.28 -11.61 2.15
N LEU B 40 6.46 -11.06 1.93
CA LEU B 40 6.67 -9.64 2.17
C LEU B 40 6.36 -8.86 0.89
N LEU B 41 6.23 -7.53 1.05
CA LEU B 41 5.87 -6.67 -0.09
C LEU B 41 6.84 -6.82 -1.25
N SER B 42 8.11 -7.13 -0.96
CA SER B 42 9.14 -7.29 -1.99
C SER B 42 9.03 -8.60 -2.75
N GLY B 43 8.16 -9.52 -2.34
CA GLY B 43 8.07 -10.83 -2.96
C GLY B 43 8.83 -11.92 -2.23
N GLU B 44 9.68 -11.56 -1.27
CA GLU B 44 10.43 -12.54 -0.51
C GLU B 44 9.54 -13.25 0.50
N LYS B 45 9.79 -14.55 0.70
CA LYS B 45 9.03 -15.39 1.61
C LYS B 45 9.80 -15.63 2.91
N GLN B 46 9.04 -15.87 3.98
CA GLN B 46 9.59 -16.11 5.31
C GLN B 46 8.71 -17.12 6.03
N PRO B 47 9.30 -17.98 6.87
CA PRO B 47 8.46 -18.82 7.75
C PRO B 47 7.61 -17.94 8.65
N GLN B 48 6.37 -18.36 8.89
CA GLN B 48 5.52 -17.69 9.86
C GLN B 48 6.16 -17.76 11.24
N GLN B 49 6.15 -16.64 11.96
CA GLN B 49 6.76 -16.57 13.28
C GLN B 49 5.77 -15.98 14.28
N LEU B 50 5.96 -16.37 15.55
CA LEU B 50 5.06 -15.96 16.62
C LEU B 50 5.06 -14.46 16.85
N ASP B 51 6.09 -13.73 16.43
CA ASP B 51 6.10 -12.28 16.59
C ASP B 51 5.81 -11.56 15.27
N ASP B 52 5.22 -12.25 14.30
CA ASP B 52 4.66 -11.56 13.15
C ASP B 52 3.56 -10.62 13.63
N VAL B 53 3.45 -9.44 13.03
CA VAL B 53 2.45 -8.47 13.43
C VAL B 53 1.16 -8.79 12.69
N LEU B 54 0.11 -9.06 13.45
CA LEU B 54 -1.18 -9.50 12.92
C LEU B 54 -2.17 -8.34 12.89
N TYR B 55 -3.15 -8.46 12.01
CA TYR B 55 -4.30 -7.56 12.02
C TYR B 55 -5.38 -8.15 12.93
N LEU B 56 -5.71 -7.46 14.02
CA LEU B 56 -6.70 -7.98 14.96
C LEU B 56 -8.12 -7.87 14.41
N ALA B 57 -8.40 -6.85 13.60
CA ALA B 57 -9.76 -6.52 13.16
C ALA B 57 -10.64 -6.42 14.41
N SER B 58 -11.81 -7.06 14.44
CA SER B 58 -12.74 -6.86 15.56
C SER B 58 -12.23 -7.43 16.87
N ALA B 59 -11.12 -8.17 16.88
CA ALA B 59 -10.46 -8.47 18.15
C ALA B 59 -10.01 -7.20 18.86
N THR B 60 -9.87 -6.10 18.12
CA THR B 60 -9.65 -4.78 18.71
C THR B 60 -10.69 -4.46 19.77
N LYS B 61 -11.94 -4.92 19.58
CA LYS B 61 -13.04 -4.52 20.44
C LYS B 61 -12.78 -4.87 21.90
N LEU B 62 -12.16 -6.03 22.16
CA LEU B 62 -11.82 -6.39 23.54
C LEU B 62 -10.88 -5.36 24.16
N ILE B 63 -9.86 -4.95 23.41
CA ILE B 63 -8.87 -4.02 23.95
C ILE B 63 -9.52 -2.66 24.20
N THR B 64 -10.35 -2.20 23.27
CA THR B 64 -11.09 -0.96 23.51
C THR B 64 -12.00 -1.08 24.71
N THR B 65 -12.65 -2.24 24.87
CA THR B 65 -13.48 -2.47 26.06
C THR B 65 -12.68 -2.27 27.34
N ILE B 66 -11.48 -2.84 27.41
CA ILE B 66 -10.63 -2.66 28.58
C ILE B 66 -10.32 -1.18 28.80
N ALA B 67 -9.98 -0.48 27.72
CA ALA B 67 -9.61 0.93 27.83
C ALA B 67 -10.75 1.76 28.41
N ALA B 68 -11.97 1.52 27.93
CA ALA B 68 -13.12 2.26 28.45
C ALA B 68 -13.38 1.93 29.92
N LEU B 69 -13.21 0.67 30.30
CA LEU B 69 -13.42 0.30 31.70
C LEU B 69 -12.33 0.87 32.61
N GLN B 70 -11.14 1.10 32.06
CA GLN B 70 -10.11 1.79 32.83
C GLN B 70 -10.50 3.25 33.07
N CYS B 71 -11.13 3.88 32.08
CA CYS B 71 -11.69 5.22 32.29
C CYS B 71 -12.75 5.19 33.38
N VAL B 72 -13.53 4.10 33.46
CA VAL B 72 -14.52 3.98 34.53
C VAL B 72 -13.83 3.93 35.89
N GLU B 73 -12.75 3.14 36.01
CA GLU B 73 -11.98 3.13 37.26
C GLU B 73 -11.45 4.52 37.60
N ASP B 74 -11.00 5.26 36.59
CA ASP B 74 -10.44 6.59 36.82
C ASP B 74 -11.47 7.61 37.27
N GLY B 75 -12.76 7.30 37.15
CA GLY B 75 -13.80 8.28 37.39
C GLY B 75 -14.15 9.15 36.20
N LEU B 76 -13.53 8.90 35.03
CA LEU B 76 -13.83 9.67 33.84
C LEU B 76 -15.15 9.27 33.20
N LEU B 77 -15.64 8.06 33.47
CA LEU B 77 -16.89 7.56 32.90
C LEU B 77 -17.57 6.67 33.91
N SER B 78 -18.85 6.40 33.66
CA SER B 78 -19.58 5.35 34.36
C SER B 78 -20.27 4.48 33.32
N LEU B 79 -20.55 3.22 33.71
CA LEU B 79 -21.16 2.28 32.77
C LEU B 79 -22.57 2.72 32.37
N ASP B 80 -23.32 3.30 33.29
CA ASP B 80 -24.71 3.65 33.04
C ASP B 80 -24.93 5.15 32.87
N GLY B 81 -23.88 5.95 32.96
CA GLY B 81 -24.02 7.38 32.81
C GLY B 81 -24.51 7.79 31.45
N ASP B 82 -25.06 9.01 31.39
CA ASP B 82 -25.55 9.61 30.16
C ASP B 82 -24.37 10.14 29.36
N LEU B 83 -24.20 9.63 28.13
CA LEU B 83 -23.11 10.05 27.26
C LEU B 83 -23.50 11.20 26.33
N SER B 84 -24.71 11.74 26.47
CA SER B 84 -25.19 12.75 25.52
C SER B 84 -24.25 13.96 25.45
N SER B 85 -23.69 14.36 26.59
CA SER B 85 -22.81 15.52 26.61
C SER B 85 -21.49 15.23 25.90
N ILE B 86 -20.83 14.13 26.27
CA ILE B 86 -19.53 13.82 25.69
C ILE B 86 -19.65 13.43 24.22
N ALA B 87 -20.78 12.85 23.82
CA ALA B 87 -20.99 12.40 22.45
C ALA B 87 -22.35 12.87 21.93
N PRO B 88 -22.48 14.18 21.66
CA PRO B 88 -23.77 14.69 21.17
C PRO B 88 -24.22 14.05 19.88
N GLU B 89 -23.29 13.53 19.08
CA GLU B 89 -23.65 12.85 17.84
C GLU B 89 -24.56 11.64 18.11
N LEU B 90 -24.35 10.96 19.25
CA LEU B 90 -25.18 9.81 19.59
C LEU B 90 -26.56 10.26 20.07
N ALA B 91 -26.60 11.25 20.97
CA ALA B 91 -27.87 11.75 21.47
C ALA B 91 -28.78 12.25 20.36
N ALA B 92 -28.20 12.75 19.27
CA ALA B 92 -28.98 13.31 18.17
C ALA B 92 -29.49 12.25 17.20
N LYS B 93 -29.05 11.01 17.34
CA LYS B 93 -29.53 9.96 16.45
C LYS B 93 -30.98 9.59 16.78
N TYR B 94 -31.77 9.38 15.73
CA TYR B 94 -33.14 8.93 15.87
C TYR B 94 -33.21 7.43 15.59
N VAL B 95 -34.34 6.84 15.93
CA VAL B 95 -34.57 5.41 15.75
C VAL B 95 -35.33 5.22 14.45
N LEU B 96 -34.69 4.58 13.47
CA LEU B 96 -35.32 4.35 12.18
C LEU B 96 -36.24 3.14 12.27
N THR B 97 -37.53 3.36 12.04
CA THR B 97 -38.55 2.33 12.16
C THR B 97 -39.04 1.77 10.84
N GLY B 98 -38.81 2.44 9.72
CA GLY B 98 -39.21 1.93 8.43
C GLY B 98 -39.20 3.02 7.39
N PHE B 99 -39.82 2.72 6.25
CA PHE B 99 -39.95 3.66 5.15
C PHE B 99 -41.36 3.67 4.59
N THR B 100 -41.80 4.85 4.15
CA THR B 100 -43.06 5.01 3.44
C THR B 100 -43.01 4.35 2.06
N ASP B 101 -44.07 4.54 1.28
CA ASP B 101 -44.04 4.11 -0.12
C ASP B 101 -43.34 5.15 -0.99
N ASP B 102 -43.42 6.43 -0.63
CA ASP B 102 -42.48 7.41 -1.18
C ASP B 102 -41.04 7.02 -0.88
N GLU B 103 -40.84 6.22 0.17
CA GLU B 103 -39.52 5.85 0.69
C GLU B 103 -38.81 7.06 1.30
N SER B 104 -39.63 7.95 1.99
CA SER B 104 -39.17 8.74 3.14
C SER B 104 -38.91 7.85 4.36
N PRO B 105 -37.83 8.13 5.07
CA PRO B 105 -37.55 7.44 6.34
C PRO B 105 -38.59 7.80 7.40
N LEU B 106 -39.00 6.80 8.16
CA LEU B 106 -39.85 6.96 9.33
C LEU B 106 -39.01 6.73 10.57
N ASP B 107 -39.04 7.66 11.50
CA ASP B 107 -38.23 7.53 12.70
C ASP B 107 -39.03 7.97 13.92
N ASP B 108 -38.48 7.63 15.10
CA ASP B 108 -38.98 8.09 16.38
C ASP B 108 -37.80 8.63 17.18
N PRO B 109 -38.04 9.61 18.04
CA PRO B 109 -36.96 10.10 18.90
C PRO B 109 -36.50 9.01 19.86
N PRO B 110 -35.27 9.12 20.36
CA PRO B 110 -34.79 8.12 21.33
C PRO B 110 -35.50 8.28 22.66
N ALA B 111 -35.84 7.15 23.28
CA ALA B 111 -36.58 7.17 24.53
C ALA B 111 -35.69 7.42 25.75
N ARG B 112 -34.38 7.20 25.64
CA ARG B 112 -33.49 7.33 26.78
C ARG B 112 -32.08 7.60 26.27
N PRO B 113 -31.16 8.02 27.15
CA PRO B 113 -29.78 8.25 26.70
C PRO B 113 -29.04 6.96 26.40
N ILE B 114 -28.08 7.06 25.47
CA ILE B 114 -27.15 5.98 25.19
C ILE B 114 -26.03 6.00 26.24
N THR B 115 -25.66 4.82 26.74
CA THR B 115 -24.68 4.70 27.80
C THR B 115 -23.47 3.89 27.32
N LEU B 116 -22.40 3.92 28.12
CA LEU B 116 -21.21 3.14 27.81
C LEU B 116 -21.52 1.65 27.76
N LYS B 117 -22.26 1.15 28.75
CA LYS B 117 -22.64 -0.26 28.75
C LYS B 117 -23.32 -0.65 27.44
N MET B 118 -24.19 0.21 26.93
CA MET B 118 -24.86 -0.09 25.66
C MET B 118 -23.86 -0.16 24.51
N LEU B 119 -22.88 0.74 24.50
CA LEU B 119 -21.88 0.71 23.44
C LEU B 119 -21.07 -0.57 23.49
N LEU B 120 -20.69 -1.01 24.70
CA LEU B 120 -19.87 -2.20 24.86
C LEU B 120 -20.62 -3.49 24.55
N THR B 121 -21.95 -3.50 24.64
CA THR B 121 -22.72 -4.72 24.47
C THR B 121 -23.55 -4.73 23.18
N HIS B 122 -23.40 -3.71 22.33
CA HIS B 122 -24.10 -3.63 21.05
C HIS B 122 -25.62 -3.57 21.25
N SER B 123 -26.05 -2.94 22.33
CA SER B 123 -27.46 -2.73 22.64
C SER B 123 -27.80 -1.25 22.64
N SER B 124 -26.98 -0.43 21.98
CA SER B 124 -27.24 1.00 21.90
C SER B 124 -28.18 1.36 20.75
N GLY B 125 -28.27 0.53 19.72
CA GLY B 125 -28.99 0.84 18.51
C GLY B 125 -28.10 1.07 17.30
N THR B 126 -26.83 1.41 17.49
CA THR B 126 -25.93 1.64 16.38
C THR B 126 -25.56 0.31 15.73
N SER B 127 -25.83 0.18 14.44
CA SER B 127 -25.71 -1.09 13.72
C SER B 127 -24.83 -0.94 12.50
N TYR B 128 -24.04 -1.98 12.21
CA TYR B 128 -23.31 -2.05 10.96
C TYR B 128 -24.28 -2.08 9.78
N HIS B 129 -24.05 -1.19 8.81
CA HIS B 129 -24.94 -1.11 7.66
C HIS B 129 -25.01 -2.42 6.90
N PHE B 130 -23.93 -3.20 6.89
CA PHE B 130 -23.91 -4.45 6.14
C PHE B 130 -24.59 -5.60 6.87
N LEU B 131 -25.06 -5.41 8.11
CA LEU B 131 -25.84 -6.40 8.82
C LEU B 131 -27.30 -6.00 8.99
N ASP B 132 -27.62 -4.73 8.78
CA ASP B 132 -28.97 -4.21 9.02
C ASP B 132 -29.53 -3.70 7.70
N PRO B 133 -30.43 -4.45 7.04
CA PRO B 133 -30.87 -4.03 5.70
C PRO B 133 -31.52 -2.65 5.67
N SER B 134 -32.33 -2.32 6.67
CA SER B 134 -32.96 -1.01 6.70
C SER B 134 -31.92 0.10 6.85
N ILE B 135 -30.93 -0.10 7.72
CA ILE B 135 -29.85 0.87 7.84
C ILE B 135 -29.01 0.93 6.57
N ALA B 136 -28.87 -0.20 5.87
CA ALA B 136 -28.07 -0.20 4.64
C ALA B 136 -28.73 0.65 3.56
N LYS B 137 -30.06 0.63 3.51
CA LYS B 137 -30.79 1.40 2.52
C LYS B 137 -30.84 2.89 2.88
N TRP B 138 -31.02 3.21 4.18
CA TRP B 138 -30.94 4.61 4.60
C TRP B 138 -29.62 5.22 4.17
N ARG B 139 -28.55 4.45 4.29
CA ARG B 139 -27.21 4.91 3.93
C ARG B 139 -27.07 5.16 2.43
N ALA B 140 -27.79 4.41 1.60
CA ALA B 140 -27.65 4.56 0.15
C ALA B 140 -28.32 5.83 -0.35
N GLN B 141 -29.47 6.17 0.22
CA GLN B 141 -30.10 7.45 -0.09
C GLN B 141 -29.19 8.62 0.27
N TYR B 142 -28.76 8.68 1.52
CA TYR B 142 -27.86 9.75 1.96
C TYR B 142 -26.39 9.36 1.77
N ALA B 143 -26.06 8.88 0.57
CA ALA B 143 -24.71 8.41 0.20
C ALA B 143 -23.73 9.57 0.01
N ASN B 144 -22.47 9.36 0.31
CA ASN B 144 -21.42 10.31 -0.04
C ASN B 144 -21.31 10.47 -1.56
N PRO B 145 -20.84 11.62 -2.03
CA PRO B 145 -20.46 11.79 -3.44
C PRO B 145 -19.07 11.23 -3.61
N GLU B 146 -19.00 9.97 -3.27
CA GLU B 146 -17.79 9.31 -2.96
C GLU B 146 -16.89 10.32 -2.23
N ASN B 147 -17.39 10.85 -1.11
CA ASN B 147 -16.50 11.64 -0.28
C ASN B 147 -15.43 10.67 0.15
N GLU B 148 -14.32 10.67 -0.59
CA GLU B 148 -13.23 9.76 -0.31
C GLU B 148 -12.25 10.34 0.67
N LYS B 149 -12.51 11.56 1.12
CA LYS B 149 -11.71 12.12 2.19
C LYS B 149 -11.84 11.20 3.40
N PRO B 150 -10.72 10.79 4.01
CA PRO B 150 -10.81 9.93 5.19
C PRO B 150 -11.60 10.59 6.32
N ARG B 151 -12.41 9.78 6.99
CA ARG B 151 -13.40 10.28 7.94
C ARG B 151 -13.09 9.75 9.34
N LEU B 152 -13.29 10.62 10.33
CA LEU B 152 -13.25 10.20 11.73
C LEU B 152 -14.41 9.26 12.02
N VAL B 153 -14.37 8.67 13.22
CA VAL B 153 -15.45 7.80 13.68
C VAL B 153 -16.80 8.52 13.52
N GLU B 154 -16.89 9.75 14.04
CA GLU B 154 -18.14 10.50 14.00
C GLU B 154 -18.57 10.87 12.59
N GLU B 155 -17.64 10.97 11.64
CA GLU B 155 -18.00 11.28 10.27
C GLU B 155 -18.26 10.03 9.43
N MET B 156 -17.91 8.85 9.92
CA MET B 156 -18.23 7.61 9.23
C MET B 156 -19.59 7.06 9.61
N PHE B 157 -19.91 7.04 10.91
CA PHE B 157 -21.07 6.30 11.41
C PHE B 157 -22.17 7.32 11.74
N THR B 158 -22.83 7.78 10.69
CA THR B 158 -23.82 8.85 10.77
C THR B 158 -25.25 8.34 10.64
N TYR B 159 -25.43 7.02 10.64
CA TYR B 159 -26.74 6.42 10.44
C TYR B 159 -27.60 6.55 11.70
N PRO B 160 -28.92 6.49 11.54
CA PRO B 160 -29.79 6.44 12.71
C PRO B 160 -29.67 5.10 13.43
N LEU B 161 -30.20 5.06 14.66
CA LEU B 161 -30.26 3.83 15.42
C LEU B 161 -31.22 2.85 14.77
N SER B 162 -31.01 1.56 15.04
CA SER B 162 -31.88 0.52 14.52
C SER B 162 -32.99 0.12 15.47
N PHE B 163 -32.95 0.60 16.71
CA PHE B 163 -33.95 0.28 17.72
C PHE B 163 -33.73 1.21 18.92
N GLN B 164 -34.69 1.23 19.82
CA GLN B 164 -34.60 2.11 20.98
C GLN B 164 -33.43 1.68 21.87
N PRO B 165 -32.60 2.61 22.32
CA PRO B 165 -31.44 2.26 23.15
C PRO B 165 -31.80 1.32 24.30
N GLY B 166 -30.96 0.30 24.49
CA GLY B 166 -31.13 -0.64 25.58
C GLY B 166 -32.11 -1.77 25.35
N THR B 167 -32.91 -1.71 24.29
CA THR B 167 -33.99 -2.67 24.09
C THR B 167 -33.72 -3.69 23.00
N GLY B 168 -32.55 -3.65 22.36
CA GLY B 168 -32.26 -4.57 21.27
C GLY B 168 -30.80 -4.95 21.24
N TRP B 169 -30.43 -5.78 20.27
CA TRP B 169 -29.05 -6.15 20.04
C TRP B 169 -28.75 -6.18 18.55
N MET B 170 -27.74 -5.44 18.13
CA MET B 170 -27.17 -5.63 16.80
C MET B 170 -25.72 -5.19 16.81
N TYR B 171 -24.86 -6.06 16.28
CA TYR B 171 -23.44 -5.78 16.13
C TYR B 171 -23.23 -4.48 15.35
N GLY B 172 -22.34 -3.62 15.86
CA GLY B 172 -22.15 -2.33 15.24
C GLY B 172 -20.96 -1.53 15.75
N PRO B 173 -20.97 -0.22 15.47
CA PRO B 173 -19.80 0.62 15.79
C PRO B 173 -19.74 1.08 17.25
N GLY B 174 -20.38 0.33 18.15
CA GLY B 174 -20.41 0.71 19.55
C GLY B 174 -19.04 0.98 20.13
N LEU B 175 -18.05 0.19 19.74
CA LEU B 175 -16.70 0.37 20.27
C LEU B 175 -15.90 1.45 19.55
N ASP B 176 -16.26 1.78 18.31
CA ASP B 176 -15.67 2.95 17.68
C ASP B 176 -16.16 4.23 18.38
N TRP B 177 -17.43 4.25 18.78
CA TRP B 177 -17.92 5.36 19.59
C TRP B 177 -17.28 5.37 20.96
N ALA B 178 -17.12 4.19 21.58
CA ALA B 178 -16.51 4.14 22.90
C ALA B 178 -15.05 4.58 22.85
N GLY B 179 -14.35 4.24 21.76
CA GLY B 179 -12.99 4.72 21.60
C GLY B 179 -12.91 6.23 21.51
N ARG B 180 -13.82 6.85 20.74
CA ARG B 180 -13.85 8.31 20.67
C ARG B 180 -14.16 8.93 22.03
N VAL B 181 -15.08 8.32 22.78
CA VAL B 181 -15.39 8.82 24.11
C VAL B 181 -14.16 8.79 25.00
N VAL B 182 -13.35 7.73 24.87
CA VAL B 182 -12.11 7.65 25.64
C VAL B 182 -11.17 8.78 25.26
N GLU B 183 -11.04 9.07 23.96
CA GLU B 183 -10.16 10.14 23.53
C GLU B 183 -10.64 11.48 24.06
N ARG B 184 -11.95 11.75 23.96
CA ARG B 184 -12.48 13.04 24.39
C ARG B 184 -12.31 13.26 25.89
N VAL B 185 -12.58 12.23 26.70
CA VAL B 185 -12.50 12.42 28.14
C VAL B 185 -11.07 12.37 28.66
N THR B 186 -10.12 11.82 27.89
CA THR B 186 -8.72 11.82 28.31
C THR B 186 -7.90 12.94 27.68
N GLY B 187 -8.37 13.53 26.58
CA GLY B 187 -7.61 14.57 25.92
C GLY B 187 -6.40 14.09 25.17
N GLY B 188 -6.35 12.81 24.81
CA GLY B 188 -5.28 12.28 23.98
C GLY B 188 -5.85 11.27 23.00
N THR B 189 -4.95 10.72 22.19
CA THR B 189 -5.39 9.72 21.22
C THR B 189 -5.66 8.38 21.93
N LEU B 190 -6.41 7.53 21.25
CA LEU B 190 -6.69 6.20 21.77
C LEU B 190 -5.40 5.38 21.89
N MET B 191 -4.51 5.50 20.89
CA MET B 191 -3.24 4.78 20.93
C MET B 191 -2.40 5.21 22.13
N GLU B 192 -2.42 6.51 22.46
CA GLU B 192 -1.67 6.99 23.61
C GLU B 192 -2.17 6.36 24.91
N PHE B 193 -3.49 6.43 25.14
CA PHE B 193 -4.07 5.82 26.34
C PHE B 193 -3.73 4.34 26.42
N MET B 194 -3.97 3.59 25.34
CA MET B 194 -3.72 2.15 25.36
C MET B 194 -2.26 1.84 25.61
N GLN B 195 -1.35 2.60 24.98
CA GLN B 195 0.07 2.36 25.19
C GLN B 195 0.44 2.55 26.66
N LYS B 196 -0.13 3.58 27.30
CA LYS B 196 0.17 3.86 28.69
C LYS B 196 -0.51 2.86 29.62
N ARG B 197 -1.77 2.53 29.36
CA ARG B 197 -2.58 1.82 30.34
C ARG B 197 -2.70 0.32 30.11
N ILE B 198 -2.47 -0.16 28.89
CA ILE B 198 -2.61 -1.58 28.57
C ILE B 198 -1.28 -2.19 28.14
N PHE B 199 -0.61 -1.58 27.17
CA PHE B 199 0.58 -2.19 26.59
C PHE B 199 1.81 -2.04 27.49
N ASP B 200 2.10 -0.82 27.95
CA ASP B 200 3.24 -0.61 28.86
C ASP B 200 3.23 -1.56 30.06
N PRO B 201 2.11 -1.74 30.79
CA PRO B 201 2.17 -2.65 31.95
C PRO B 201 2.50 -4.08 31.58
N LEU B 202 2.18 -4.51 30.35
CA LEU B 202 2.45 -5.87 29.89
C LEU B 202 3.73 -5.97 29.07
N GLY B 203 4.52 -4.90 29.01
CA GLY B 203 5.72 -4.89 28.19
C GLY B 203 5.46 -5.03 26.70
N ILE B 204 4.32 -4.53 26.22
CA ILE B 204 4.00 -4.55 24.80
C ILE B 204 4.52 -3.26 24.18
N THR B 205 5.31 -3.39 23.12
CA THR B 205 5.85 -2.24 22.41
C THR B 205 5.58 -2.26 20.91
N ASP B 206 4.95 -3.32 20.39
CA ASP B 206 4.88 -3.51 18.95
C ASP B 206 3.44 -3.45 18.46
N SER B 207 2.78 -2.31 18.63
CA SER B 207 1.36 -2.18 18.32
C SER B 207 1.08 -0.83 17.69
N GLN B 208 0.20 -0.81 16.68
CA GLN B 208 -0.26 0.43 16.09
C GLN B 208 -1.67 0.24 15.55
N PHE B 209 -2.44 1.31 15.56
CA PHE B 209 -3.68 1.37 14.80
C PHE B 209 -3.39 1.55 13.32
N TYR B 210 -4.35 1.14 12.50
CA TYR B 210 -4.30 1.50 11.09
C TYR B 210 -4.33 3.02 10.97
N PRO B 211 -3.52 3.59 10.06
CA PRO B 211 -2.55 2.89 9.20
C PRO B 211 -1.22 2.66 9.93
N VAL B 212 -0.60 1.51 9.69
CA VAL B 212 0.66 1.17 10.32
C VAL B 212 1.77 1.95 9.64
N THR B 213 2.43 2.85 10.37
CA THR B 213 3.50 3.65 9.83
C THR B 213 4.89 3.27 10.32
N ARG B 214 5.01 2.61 11.48
CA ARG B 214 6.33 2.31 12.02
C ARG B 214 7.07 1.31 11.15
N GLU B 215 8.30 1.68 10.77
CA GLU B 215 9.09 0.87 9.84
C GLU B 215 9.38 -0.52 10.39
N ASP B 216 9.68 -0.63 11.69
CA ASP B 216 9.95 -1.94 12.25
C ASP B 216 8.72 -2.84 12.23
N LEU B 217 7.54 -2.28 12.54
CA LEU B 217 6.32 -3.08 12.52
C LEU B 217 5.94 -3.47 11.09
N ARG B 218 6.08 -2.53 10.15
CA ARG B 218 5.73 -2.83 8.76
C ARG B 218 6.59 -3.94 8.20
N ALA B 219 7.84 -4.06 8.66
CA ALA B 219 8.72 -5.14 8.23
C ALA B 219 8.22 -6.50 8.69
N ARG B 220 7.29 -6.55 9.64
CA ARG B 220 6.77 -7.81 10.17
C ARG B 220 5.28 -7.99 9.93
N LEU B 221 4.64 -7.10 9.17
CA LEU B 221 3.21 -7.21 8.90
C LEU B 221 2.92 -8.40 8.00
N VAL B 222 2.05 -9.30 8.47
CA VAL B 222 1.56 -10.37 7.60
C VAL B 222 0.77 -9.79 6.44
N ASP B 223 0.00 -8.73 6.70
CA ASP B 223 -0.96 -8.21 5.74
C ASP B 223 -0.39 -7.10 4.84
N LEU B 224 0.90 -6.79 4.94
CA LEU B 224 1.59 -5.95 3.97
C LEU B 224 2.30 -6.87 2.98
N ASN B 225 1.69 -7.05 1.81
CA ASN B 225 2.23 -8.01 0.86
C ASN B 225 1.69 -7.70 -0.54
N PRO B 226 2.14 -8.40 -1.59
CA PRO B 226 1.65 -8.06 -2.94
C PRO B 226 0.15 -8.15 -3.11
N SER B 227 -0.54 -9.01 -2.37
CA SER B 227 -2.00 -9.05 -2.43
C SER B 227 -2.65 -7.89 -1.70
N ASP B 228 -1.90 -7.14 -0.89
CA ASP B 228 -2.47 -6.10 -0.05
C ASP B 228 -1.43 -5.03 0.21
N PRO B 229 -0.98 -4.32 -0.83
CA PRO B 229 0.07 -3.29 -0.62
C PRO B 229 -0.36 -2.17 0.31
N GLY B 230 -1.65 -1.98 0.53
CA GLY B 230 -2.12 -0.97 1.45
C GLY B 230 -2.08 -1.35 2.91
N ALA B 231 -1.70 -2.59 3.23
CA ALA B 231 -1.75 -3.12 4.59
C ALA B 231 -3.12 -2.85 5.23
N LEU B 232 -4.17 -3.20 4.48
CA LEU B 232 -5.54 -2.95 4.90
C LEU B 232 -6.14 -4.10 5.71
N GLY B 233 -5.53 -5.28 5.67
CA GLY B 233 -6.10 -6.44 6.34
C GLY B 233 -7.15 -7.18 5.53
N SER B 234 -7.11 -7.06 4.20
CA SER B 234 -8.13 -7.67 3.35
C SER B 234 -8.33 -9.15 3.65
N ALA B 235 -7.25 -9.90 3.85
CA ALA B 235 -7.38 -11.34 4.06
C ALA B 235 -8.15 -11.67 5.32
N VAL B 236 -8.02 -10.83 6.36
CA VAL B 236 -8.73 -11.09 7.61
C VAL B 236 -10.21 -10.72 7.47
N ILE B 237 -10.49 -9.57 6.87
CA ILE B 237 -11.87 -9.13 6.68
C ILE B 237 -12.59 -10.00 5.66
N GLY B 238 -11.85 -10.71 4.82
CA GLY B 238 -12.41 -11.60 3.83
C GLY B 238 -12.55 -11.01 2.44
N GLY B 239 -12.24 -9.73 2.26
CA GLY B 239 -12.43 -9.09 0.98
C GLY B 239 -12.61 -7.59 1.10
N GLY B 240 -12.71 -7.10 2.33
CA GLY B 240 -12.82 -5.69 2.57
C GLY B 240 -11.47 -5.00 2.55
N GLY B 241 -11.23 -4.17 3.55
CA GLY B 241 -10.17 -3.17 3.52
C GLY B 241 -10.69 -1.78 3.25
N GLU B 242 -11.91 -1.68 2.72
CA GLU B 242 -12.48 -0.38 2.38
C GLU B 242 -12.73 0.46 3.63
N MET B 243 -13.27 -0.13 4.69
CA MET B 243 -13.57 0.66 5.87
C MET B 243 -12.30 1.23 6.49
N ASN B 244 -11.22 0.45 6.51
CA ASN B 244 -9.92 0.99 6.93
C ASN B 244 -9.50 2.14 6.04
N LEU B 245 -9.64 1.97 4.72
CA LEU B 245 -9.13 2.94 3.77
C LEU B 245 -9.85 4.28 3.90
N ARG B 246 -11.17 4.25 4.04
CA ARG B 246 -12.00 5.45 4.14
C ARG B 246 -11.91 6.14 5.50
N GLY B 247 -11.12 5.63 6.44
CA GLY B 247 -11.12 6.21 7.77
C GLY B 247 -9.83 6.92 8.13
N ARG B 248 -9.90 7.77 9.15
CA ARG B 248 -8.73 8.46 9.66
C ARG B 248 -8.84 8.56 11.18
N GLY B 249 -7.69 8.45 11.85
CA GLY B 249 -7.65 8.34 13.28
C GLY B 249 -7.91 6.91 13.72
N ALA B 250 -7.92 6.71 15.03
CA ALA B 250 -8.09 5.37 15.57
C ALA B 250 -9.56 4.96 15.50
N PHE B 251 -9.78 3.71 15.07
CA PHE B 251 -11.10 3.09 15.08
C PHE B 251 -11.07 1.94 16.08
N GLY B 252 -11.62 2.18 17.27
CA GLY B 252 -11.65 1.18 18.33
C GLY B 252 -12.46 -0.06 18.02
N GLY B 253 -13.23 -0.04 16.92
CA GLY B 253 -13.95 -1.23 16.52
C GLY B 253 -13.13 -2.28 15.83
N HIS B 254 -12.06 -1.88 15.13
CA HIS B 254 -11.41 -2.83 14.22
C HIS B 254 -9.97 -2.50 13.84
N GLY B 255 -9.37 -1.47 14.46
CA GLY B 255 -8.17 -0.89 13.88
C GLY B 255 -6.82 -1.44 14.29
N LEU B 256 -6.71 -2.24 15.35
CA LEU B 256 -5.41 -2.52 15.94
C LEU B 256 -4.63 -3.60 15.19
N PHE B 257 -3.31 -3.45 15.21
CA PHE B 257 -2.36 -4.48 14.79
C PHE B 257 -1.52 -4.89 15.98
N LEU B 258 -1.29 -6.20 16.12
CA LEU B 258 -0.67 -6.75 17.32
C LEU B 258 -0.12 -8.14 16.99
N THR B 259 0.91 -8.54 17.72
CA THR B 259 1.37 -9.92 17.58
C THR B 259 0.47 -10.86 18.38
N GLY B 260 0.44 -12.12 17.95
CA GLY B 260 -0.25 -13.14 18.74
C GLY B 260 0.30 -13.26 20.14
N LEU B 261 1.63 -13.21 20.29
CA LEU B 261 2.24 -13.32 21.60
C LEU B 261 1.81 -12.19 22.53
N ASP B 262 1.65 -10.99 21.98
CA ASP B 262 1.24 -9.86 22.80
C ASP B 262 -0.26 -9.93 23.12
N PHE B 263 -1.07 -10.38 22.17
CA PHE B 263 -2.51 -10.46 22.43
C PHE B 263 -2.83 -11.43 23.55
N VAL B 264 -2.12 -12.57 23.60
CA VAL B 264 -2.41 -13.56 24.64
C VAL B 264 -2.00 -13.04 26.01
N LYS B 265 -1.04 -12.13 26.07
CA LYS B 265 -0.71 -11.46 27.34
C LYS B 265 -1.92 -10.71 27.87
N ILE B 266 -2.69 -10.09 26.98
CA ILE B 266 -3.90 -9.39 27.41
C ILE B 266 -4.94 -10.37 27.91
N LEU B 267 -5.17 -11.44 27.14
CA LEU B 267 -6.11 -12.48 27.57
C LEU B 267 -5.74 -13.05 28.93
N ARG B 268 -4.45 -13.32 29.14
CA ARG B 268 -4.01 -14.02 30.35
C ARG B 268 -4.11 -13.13 31.58
N SER B 269 -3.86 -11.83 31.43
CA SER B 269 -4.05 -10.91 32.55
C SER B 269 -5.50 -10.91 33.03
N LEU B 270 -6.45 -10.95 32.09
CA LEU B 270 -7.86 -11.07 32.48
C LEU B 270 -8.14 -12.42 33.11
N LEU B 271 -7.59 -13.49 32.54
CA LEU B 271 -7.84 -14.83 33.06
C LEU B 271 -7.30 -14.99 34.48
N ALA B 272 -6.08 -14.54 34.72
CA ALA B 272 -5.52 -14.62 36.06
C ALA B 272 -6.10 -13.55 36.99
N ASN B 273 -6.69 -12.50 36.43
CA ASN B 273 -7.25 -11.39 37.22
C ASN B 273 -6.21 -10.82 38.16
N ASP B 274 -5.06 -10.45 37.59
CA ASP B 274 -3.87 -10.11 38.35
C ASP B 274 -3.70 -8.61 38.59
N GLY B 275 -4.73 -7.82 38.32
CA GLY B 275 -4.69 -6.39 38.61
C GLY B 275 -3.84 -5.56 37.68
N MET B 276 -3.25 -6.15 36.63
CA MET B 276 -2.37 -5.39 35.76
C MET B 276 -3.13 -4.38 34.90
N LEU B 277 -4.37 -4.70 34.54
CA LEU B 277 -5.20 -3.83 33.70
C LEU B 277 -6.37 -3.23 34.44
N LEU B 278 -7.04 -4.02 35.26
CA LEU B 278 -8.25 -3.61 35.96
C LEU B 278 -8.27 -4.30 37.32
N LYS B 279 -8.95 -3.67 38.27
CA LYS B 279 -9.12 -4.27 39.58
C LYS B 279 -10.00 -5.52 39.46
N PRO B 280 -9.78 -6.52 40.33
CA PRO B 280 -10.46 -7.82 40.14
C PRO B 280 -11.98 -7.73 40.03
N ALA B 281 -12.62 -6.87 40.83
CA ALA B 281 -14.07 -6.78 40.77
C ALA B 281 -14.55 -6.21 39.43
N ALA B 282 -13.78 -5.30 38.84
CA ALA B 282 -14.13 -4.78 37.52
C ALA B 282 -14.06 -5.88 36.47
N VAL B 283 -13.04 -6.75 36.56
CA VAL B 283 -12.92 -7.85 35.60
C VAL B 283 -14.07 -8.84 35.79
N ASP B 284 -14.37 -9.23 37.03
CA ASP B 284 -15.49 -10.13 37.29
C ASP B 284 -16.76 -9.62 36.61
N ASN B 285 -16.97 -8.31 36.61
CA ASN B 285 -18.16 -7.72 36.02
C ASN B 285 -18.19 -7.87 34.50
N MET B 286 -17.04 -8.04 33.85
CA MET B 286 -17.03 -8.29 32.41
C MET B 286 -17.72 -9.60 32.08
N PHE B 287 -17.61 -10.59 32.94
CA PHE B 287 -18.08 -11.95 32.65
C PHE B 287 -19.50 -12.18 33.18
N GLN B 288 -20.40 -11.22 32.89
CA GLN B 288 -21.79 -11.28 33.31
C GLN B 288 -22.67 -10.86 32.15
N GLN B 289 -23.91 -11.36 32.15
CA GLN B 289 -24.90 -10.91 31.18
C GLN B 289 -25.22 -9.44 31.43
N HIS B 290 -25.00 -8.59 30.43
CA HIS B 290 -25.28 -7.18 30.54
C HIS B 290 -26.32 -6.70 29.54
N LEU B 291 -27.04 -7.62 28.91
CA LEU B 291 -28.23 -7.29 28.13
C LEU B 291 -29.44 -7.42 29.04
N GLY B 292 -30.33 -6.44 28.99
CA GLY B 292 -31.60 -6.56 29.65
C GLY B 292 -32.50 -7.55 28.93
N PRO B 293 -33.68 -7.79 29.50
CA PRO B 293 -34.57 -8.82 28.91
C PRO B 293 -34.94 -8.58 27.45
N GLU B 294 -35.33 -7.34 27.09
CA GLU B 294 -35.70 -7.08 25.71
C GLU B 294 -34.49 -7.21 24.78
N ALA B 295 -33.34 -6.67 25.21
CA ALA B 295 -32.13 -6.80 24.41
C ALA B 295 -31.70 -8.26 24.28
N ALA B 296 -31.84 -9.03 25.37
CA ALA B 296 -31.45 -10.44 25.33
C ALA B 296 -32.30 -11.22 24.33
N ALA B 297 -33.62 -10.97 24.30
CA ALA B 297 -34.47 -11.63 23.33
C ALA B 297 -34.10 -11.21 21.91
N SER B 298 -33.77 -9.92 21.72
CA SER B 298 -33.27 -9.47 20.43
C SER B 298 -31.97 -10.18 20.07
N HIS B 299 -31.09 -10.34 21.05
CA HIS B 299 -29.83 -11.07 20.83
C HIS B 299 -30.10 -12.50 20.37
N ARG B 300 -30.97 -13.21 21.09
CA ARG B 300 -31.26 -14.59 20.72
C ARG B 300 -31.91 -14.70 19.34
N ALA B 301 -32.69 -13.68 18.94
CA ALA B 301 -33.26 -13.68 17.60
C ALA B 301 -32.18 -13.50 16.53
N ALA B 302 -31.22 -12.61 16.77
CA ALA B 302 -30.09 -12.46 15.85
C ALA B 302 -29.30 -13.76 15.73
N LEU B 303 -29.07 -14.44 16.86
CA LEU B 303 -28.34 -15.71 16.83
C LEU B 303 -29.09 -16.78 16.04
N ALA B 304 -30.40 -16.65 15.90
CA ALA B 304 -31.21 -17.59 15.13
C ALA B 304 -31.39 -17.15 13.68
N SER B 305 -30.98 -15.94 13.34
CA SER B 305 -31.10 -15.40 11.99
C SER B 305 -30.04 -16.03 11.08
N PRO B 306 -30.09 -15.75 9.77
CA PRO B 306 -29.05 -16.30 8.88
C PRO B 306 -27.65 -15.85 9.19
N LEU B 307 -27.46 -14.73 9.89
CA LEU B 307 -26.15 -14.30 10.34
C LEU B 307 -25.76 -14.93 11.67
N GLY B 308 -26.66 -15.74 12.26
CA GLY B 308 -26.39 -16.36 13.54
C GLY B 308 -25.08 -17.10 13.68
N PRO B 309 -24.65 -17.88 12.68
CA PRO B 309 -23.37 -18.59 12.82
C PRO B 309 -22.20 -17.68 13.11
N PHE B 310 -22.19 -16.47 12.55
CA PHE B 310 -21.14 -15.50 12.88
C PHE B 310 -21.28 -15.01 14.32
N PHE B 311 -22.52 -14.71 14.74
CA PHE B 311 -22.74 -14.18 16.09
C PHE B 311 -22.52 -15.23 17.17
N ARG B 312 -22.53 -16.52 16.83
CA ARG B 312 -22.37 -17.58 17.82
C ARG B 312 -20.92 -17.95 18.09
N VAL B 313 -19.98 -17.50 17.25
CA VAL B 313 -18.54 -17.73 17.43
C VAL B 313 -18.27 -19.22 17.67
N GLY B 314 -18.97 -20.08 16.94
CA GLY B 314 -18.78 -21.51 17.04
C GLY B 314 -19.53 -22.22 18.15
N THR B 315 -20.18 -21.49 19.06
CA THR B 315 -20.97 -22.15 20.10
C THR B 315 -22.20 -22.81 19.47
N ASP B 316 -22.66 -23.88 20.12
CA ASP B 316 -23.76 -24.64 19.57
C ASP B 316 -25.09 -23.91 19.78
N PRO B 317 -26.03 -24.03 18.83
CA PRO B 317 -27.34 -23.36 18.98
C PRO B 317 -28.10 -23.76 20.24
N GLU B 318 -27.83 -24.92 20.83
CA GLU B 318 -28.49 -25.30 22.07
C GLU B 318 -27.86 -24.68 23.31
N THR B 319 -26.73 -23.99 23.17
CA THR B 319 -26.05 -23.41 24.32
C THR B 319 -26.62 -22.04 24.64
N LYS B 320 -27.00 -21.83 25.90
CA LYS B 320 -27.55 -20.57 26.37
C LYS B 320 -26.42 -19.54 26.40
N VAL B 321 -26.67 -18.34 25.85
CA VAL B 321 -25.63 -17.32 25.77
C VAL B 321 -26.21 -15.95 26.10
N GLY B 322 -25.33 -15.06 26.55
CA GLY B 322 -25.63 -13.66 26.72
C GLY B 322 -24.54 -12.82 26.09
N TYR B 323 -24.44 -11.54 26.44
CA TYR B 323 -23.35 -10.69 25.98
C TYR B 323 -22.75 -9.96 27.16
N GLY B 324 -21.45 -10.17 27.39
CA GLY B 324 -20.73 -9.51 28.46
C GLY B 324 -20.03 -8.25 27.99
N LEU B 325 -19.14 -7.75 28.85
CA LEU B 325 -18.30 -6.61 28.51
C LEU B 325 -17.07 -7.13 27.79
N GLY B 326 -17.15 -7.20 26.47
CA GLY B 326 -16.03 -7.69 25.68
C GLY B 326 -16.35 -8.74 24.64
N GLY B 327 -17.52 -9.38 24.70
CA GLY B 327 -17.84 -10.38 23.71
C GLY B 327 -19.05 -11.21 24.12
N LEU B 328 -19.28 -12.27 23.35
CA LEU B 328 -20.27 -13.27 23.69
C LEU B 328 -19.91 -13.99 24.98
N LEU B 329 -20.93 -14.30 25.79
CA LEU B 329 -20.75 -14.94 27.09
C LEU B 329 -21.65 -16.16 27.17
N THR B 330 -21.06 -17.34 27.33
CA THR B 330 -21.85 -18.54 27.54
C THR B 330 -22.43 -18.56 28.95
N LEU B 331 -23.61 -19.14 29.09
CA LEU B 331 -24.32 -19.16 30.37
C LEU B 331 -24.48 -20.57 30.93
N GLU B 332 -23.87 -21.57 30.31
CA GLU B 332 -23.86 -22.92 30.85
C GLU B 332 -22.60 -23.65 30.39
N ASP B 333 -22.22 -24.66 31.17
CA ASP B 333 -21.08 -25.50 30.83
C ASP B 333 -21.34 -26.30 29.56
N VAL B 334 -20.28 -26.50 28.78
CA VAL B 334 -20.21 -27.59 27.80
C VAL B 334 -19.05 -28.48 28.27
N ASP B 335 -19.37 -29.71 28.67
CA ASP B 335 -18.34 -30.59 29.21
C ASP B 335 -17.29 -30.89 28.14
N GLY B 336 -16.02 -30.76 28.52
CA GLY B 336 -14.94 -30.94 27.58
C GLY B 336 -14.63 -29.71 26.74
N TRP B 337 -15.36 -28.61 26.92
CA TRP B 337 -15.13 -27.38 26.16
C TRP B 337 -15.39 -26.18 27.06
N TYR B 338 -15.91 -25.10 26.50
CA TYR B 338 -16.07 -23.85 27.24
C TYR B 338 -16.88 -24.05 28.51
N GLY B 339 -16.32 -23.66 29.65
CA GLY B 339 -17.10 -23.59 30.86
C GLY B 339 -18.07 -22.41 30.83
N GLU B 340 -19.06 -22.44 31.72
CA GLU B 340 -20.00 -21.34 31.80
C GLU B 340 -19.27 -20.04 32.09
N ARG B 341 -19.81 -18.94 31.56
CA ARG B 341 -19.20 -17.61 31.65
C ARG B 341 -17.86 -17.55 30.91
N THR B 342 -17.70 -18.35 29.87
CA THR B 342 -16.62 -18.12 28.92
C THR B 342 -16.93 -16.89 28.07
N LEU B 343 -15.95 -16.01 27.93
CA LEU B 343 -16.07 -14.84 27.07
C LEU B 343 -15.32 -15.11 25.77
N THR B 344 -15.94 -14.80 24.63
CA THR B 344 -15.33 -15.14 23.36
C THR B 344 -15.84 -14.21 22.25
N TRP B 345 -14.92 -13.85 21.36
CA TRP B 345 -15.27 -13.14 20.13
C TRP B 345 -14.17 -13.42 19.10
N GLY B 346 -13.97 -12.51 18.18
CA GLY B 346 -13.01 -12.73 17.12
C GLY B 346 -12.85 -11.50 16.25
N GLY B 347 -12.10 -11.68 15.18
CA GLY B 347 -11.90 -10.61 14.21
C GLY B 347 -12.03 -11.12 12.79
N GLY B 348 -12.77 -10.38 11.96
CA GLY B 348 -12.95 -10.78 10.57
C GLY B 348 -13.55 -12.17 10.47
N LEU B 349 -13.11 -12.91 9.46
CA LEU B 349 -13.50 -14.30 9.29
C LEU B 349 -12.45 -15.29 9.76
N THR B 350 -11.27 -14.83 10.16
CA THR B 350 -10.11 -15.71 10.33
C THR B 350 -9.57 -15.80 11.74
N LEU B 351 -10.03 -14.96 12.68
CA LEU B 351 -9.43 -14.88 14.01
C LEU B 351 -10.51 -15.04 15.05
N THR B 352 -10.20 -15.81 16.10
CA THR B 352 -11.13 -15.99 17.22
C THR B 352 -10.32 -16.12 18.50
N TRP B 353 -10.92 -15.68 19.61
CA TRP B 353 -10.29 -15.75 20.91
C TRP B 353 -11.32 -16.11 21.96
N PHE B 354 -10.85 -16.66 23.08
CA PHE B 354 -11.74 -17.03 24.17
C PHE B 354 -11.01 -16.87 25.50
N ILE B 355 -11.79 -16.60 26.55
CA ILE B 355 -11.31 -16.57 27.93
C ILE B 355 -12.28 -17.42 28.75
N ASP B 356 -11.82 -18.58 29.19
CA ASP B 356 -12.64 -19.55 29.94
C ASP B 356 -12.09 -19.59 31.37
N ARG B 357 -12.71 -18.81 32.26
CA ARG B 357 -12.23 -18.72 33.63
C ARG B 357 -12.51 -20.01 34.41
N LYS B 358 -13.69 -20.61 34.22
CA LYS B 358 -14.06 -21.78 35.01
C LYS B 358 -13.08 -22.93 34.78
N ASN B 359 -12.70 -23.17 33.53
CA ASN B 359 -11.75 -24.24 33.21
C ASN B 359 -10.31 -23.76 33.14
N ASN B 360 -10.06 -22.46 33.36
CA ASN B 360 -8.72 -21.90 33.42
C ASN B 360 -7.97 -22.12 32.11
N LEU B 361 -8.48 -21.48 31.06
CA LEU B 361 -7.84 -21.52 29.74
C LEU B 361 -8.24 -20.29 28.95
N CYS B 362 -7.27 -19.73 28.22
CA CYS B 362 -7.53 -18.67 27.25
C CYS B 362 -6.67 -18.92 26.02
N GLY B 363 -7.04 -18.30 24.91
CA GLY B 363 -6.29 -18.50 23.69
C GLY B 363 -6.84 -17.69 22.54
N VAL B 364 -5.96 -17.44 21.58
CA VAL B 364 -6.30 -16.76 20.33
C VAL B 364 -5.84 -17.65 19.17
N GLY B 365 -6.64 -17.72 18.12
CA GLY B 365 -6.30 -18.46 16.93
C GLY B 365 -6.48 -17.58 15.72
N ALA B 366 -5.40 -17.35 14.97
CA ALA B 366 -5.40 -16.36 13.90
C ALA B 366 -4.94 -17.02 12.60
N ILE B 367 -5.90 -17.36 11.75
CA ILE B 367 -5.61 -17.93 10.44
C ILE B 367 -5.13 -16.82 9.53
N GLN B 368 -4.10 -17.12 8.72
CA GLN B 368 -3.57 -16.17 7.75
C GLN B 368 -3.97 -16.67 6.36
N ALA B 369 -5.05 -16.09 5.83
CA ALA B 369 -5.75 -16.63 4.67
C ALA B 369 -5.23 -16.04 3.36
N VAL B 370 -5.59 -16.70 2.27
CA VAL B 370 -5.27 -16.26 0.92
C VAL B 370 -6.53 -15.74 0.25
N LEU B 371 -6.46 -14.54 -0.31
CA LEU B 371 -7.54 -13.94 -1.09
C LEU B 371 -7.74 -14.69 -2.40
N PRO B 372 -9.00 -15.00 -2.76
CA PRO B 372 -10.23 -14.73 -2.00
C PRO B 372 -10.46 -15.75 -0.89
N VAL B 373 -11.00 -15.28 0.23
CA VAL B 373 -11.06 -16.08 1.46
C VAL B 373 -12.25 -17.02 1.38
N ASP B 374 -11.99 -18.31 1.57
CA ASP B 374 -13.03 -19.34 1.61
C ASP B 374 -13.66 -19.28 3.00
N GLY B 375 -14.87 -18.72 3.07
CA GLY B 375 -15.50 -18.49 4.37
C GLY B 375 -15.87 -19.76 5.11
N ASP B 376 -16.41 -20.75 4.40
CA ASP B 376 -16.76 -22.02 5.05
C ASP B 376 -15.52 -22.70 5.62
N LEU B 377 -14.40 -22.64 4.89
CA LEU B 377 -13.16 -23.24 5.38
C LEU B 377 -12.67 -22.53 6.64
N MET B 378 -12.85 -21.20 6.70
CA MET B 378 -12.39 -20.46 7.87
C MET B 378 -13.15 -20.88 9.12
N ALA B 379 -14.47 -21.07 9.00
CA ALA B 379 -15.26 -21.54 10.15
C ALA B 379 -14.74 -22.88 10.66
N ASP B 380 -14.39 -23.79 9.74
CA ASP B 380 -13.87 -25.09 10.15
C ASP B 380 -12.50 -24.96 10.81
N LEU B 381 -11.60 -24.16 10.22
CA LEU B 381 -10.28 -23.97 10.83
C LEU B 381 -10.40 -23.35 12.22
N LYS B 382 -11.24 -22.34 12.37
CA LYS B 382 -11.43 -21.75 13.70
C LYS B 382 -12.01 -22.76 14.68
N GLN B 383 -13.00 -23.54 14.23
CA GLN B 383 -13.55 -24.60 15.08
C GLN B 383 -12.49 -25.63 15.46
N THR B 384 -11.64 -26.00 14.50
CA THR B 384 -10.57 -26.96 14.81
C THR B 384 -9.67 -26.44 15.92
N PHE B 385 -9.29 -25.16 15.85
CA PHE B 385 -8.51 -24.58 16.93
C PHE B 385 -9.28 -24.60 18.25
N ARG B 386 -10.52 -24.12 18.22
CA ARG B 386 -11.27 -23.94 19.47
C ARG B 386 -11.44 -25.24 20.23
N HIS B 387 -11.52 -26.38 19.54
CA HIS B 387 -11.66 -27.66 20.22
C HIS B 387 -10.33 -28.37 20.42
N ASP B 388 -9.42 -28.32 19.44
CA ASP B 388 -8.14 -29.02 19.59
C ASP B 388 -7.34 -28.47 20.77
N ILE B 389 -7.45 -27.17 21.06
CA ILE B 389 -6.70 -26.60 22.18
C ILE B 389 -7.15 -27.21 23.50
N TYR B 390 -8.44 -27.53 23.63
CA TYR B 390 -8.90 -28.22 24.82
C TYR B 390 -8.40 -29.66 24.86
N ARG B 391 -8.26 -30.31 23.70
CA ARG B 391 -7.72 -31.66 23.70
C ARG B 391 -6.25 -31.66 24.09
N LYS B 392 -5.49 -30.66 23.64
CA LYS B 392 -4.09 -30.54 24.07
C LYS B 392 -4.01 -30.24 25.57
N TYR B 393 -4.93 -29.41 26.07
CA TYR B 393 -4.97 -29.10 27.49
C TYR B 393 -5.27 -30.34 28.32
N SER B 394 -6.25 -31.14 27.88
CA SER B 394 -6.57 -32.39 28.56
C SER B 394 -5.36 -33.32 28.62
N ALA B 395 -4.73 -33.56 27.47
CA ALA B 395 -3.55 -34.42 27.43
C ALA B 395 -2.48 -33.96 28.42
N TRP B 396 -2.24 -32.65 28.46
CA TRP B 396 -1.25 -32.11 29.39
C TRP B 396 -1.67 -32.32 30.84
N LYS B 397 -2.94 -32.04 31.15
CA LYS B 397 -3.43 -32.26 32.51
C LYS B 397 -3.31 -33.72 32.91
N GLY B 398 -3.47 -34.65 31.95
CA GLY B 398 -3.32 -36.06 32.24
C GLY B 398 -1.90 -36.48 32.59
N GLN B 399 -0.91 -35.65 32.31
CA GLN B 399 0.49 -36.02 32.50
C GLN B 399 1.11 -35.35 33.72
N GLN B 400 0.33 -34.72 34.57
CA GLN B 400 0.88 -33.99 35.70
C GLN B 400 0.93 -34.86 36.97
O16 MJA C . 1.79 -0.36 -18.19
C15 MJA C . 2.47 0.43 -17.57
O15 MJA C . 2.42 0.47 -16.25
C14 MJA C . 3.36 1.40 -18.30
C13 MJA C . 2.74 2.75 -18.08
O13 MJA C . 1.41 2.47 -17.63
C12 MJA C . 2.68 3.52 -19.35
C11 MJA C . 3.33 4.87 -19.18
O11 MJA C . 2.30 5.82 -19.26
C10 MJA C . 4.33 5.06 -20.30
C9 MJA C . 4.68 6.49 -20.59
C1 MJA C . 5.64 6.46 -21.76
C8A MJA C . 6.49 7.70 -21.72
C2 MJA C . 4.88 6.34 -23.06
C2M MJA C . 3.82 7.42 -23.27
C3 MJA C . 5.83 6.31 -24.21
C4 MJA C . 6.93 6.99 -24.14
C4A MJA C . 7.19 7.88 -23.00
C5 MJA C . 8.05 8.88 -23.08
C6 MJA C . 8.31 9.78 -21.90
C6M MJA C . 9.62 10.47 -22.12
C7 MJA C . 8.29 9.04 -20.58
C8 MJA C . 7.48 7.76 -20.55
O8 MJA C . 8.29 6.63 -20.49
C1 144 D . 10.75 -18.40 -36.26
N 144 D . 11.04 -19.02 -37.52
C2 144 D . 10.98 -18.12 -38.62
O2 144 D . 9.66 -18.26 -39.14
C3 144 D . 12.34 -19.57 -37.49
O3 144 D . 12.65 -19.91 -36.16
C4 144 D . 10.09 -20.04 -37.76
O4 144 D . 9.39 -20.24 -36.53
C1 144 E . 8.24 -4.66 -37.08
N 144 E . 8.75 -4.86 -35.77
C2 144 E . 9.44 -6.07 -35.68
O2 144 E . 8.38 -7.03 -35.60
C3 144 E . 9.64 -3.83 -35.38
O3 144 E . 9.29 -2.56 -35.92
C4 144 E . 7.71 -4.98 -34.83
O4 144 E . 6.88 -3.87 -35.03
C ACT F . 7.47 6.08 -17.32
O ACT F . 7.09 6.99 -17.95
OXT ACT F . 8.63 6.07 -16.97
CH3 ACT F . 6.52 4.97 -17.02
O16 MJA G . -14.89 -4.49 4.81
C15 MJA G . -15.21 -3.93 5.83
O15 MJA G . -14.56 -2.81 6.04
C14 MJA G . -16.26 -4.50 6.78
C13 MJA G . -15.93 -5.98 6.91
O13 MJA G . -15.85 -6.42 5.59
C12 MJA G . -17.01 -6.88 7.46
C11 MJA G . -16.37 -8.07 8.15
O11 MJA G . -16.45 -9.29 7.41
C10 MJA G . -17.09 -8.20 9.46
C9 MJA G . -17.02 -9.62 9.96
C1 MJA G . -18.02 -9.76 11.07
C8A MJA G . -17.56 -10.82 12.04
C2 MJA G . -19.35 -10.06 10.45
C2M MJA G . -19.26 -11.35 9.70
C3 MJA G . -20.36 -10.18 11.54
C4 MJA G . -20.03 -10.70 12.68
C4A MJA G . -18.67 -11.15 12.96
C5 MJA G . -18.40 -11.87 14.04
C6 MJA G . -16.99 -12.31 14.34
C6M MJA G . -16.82 -12.63 15.80
C7 MJA G . -15.98 -11.25 13.99
C8 MJA G . -16.32 -10.38 12.80
O8 MJA G . -16.41 -9.08 13.28
C ACT H . -14.05 -7.33 11.49
O ACT H . -12.94 -7.41 11.71
OXT ACT H . -14.76 -8.12 11.98
CH3 ACT H . -14.51 -6.29 10.58
#